data_7XOU
#
_entry.id   7XOU
#
_cell.length_a   1.00
_cell.length_b   1.00
_cell.length_c   1.00
_cell.angle_alpha   90.00
_cell.angle_beta   90.00
_cell.angle_gamma   90.00
#
_symmetry.space_group_name_H-M   'P 1'
#
loop_
_entity.id
_entity.type
_entity.pdbx_description
1 polymer CCK-8
2 polymer 'Isoform Gnas-2 of Guanine nucleotide-binding protein G(s) subunit alpha isoforms short'
3 polymer 'Guanine nucleotide-binding protein G(I)/G(S)/G(T) subunit beta-1'
4 polymer 'Guanine nucleotide-binding protein G(I)/G(S)/G(O) subunit gamma-2'
5 polymer 'Nanobody 35'
6 polymer 'Cholecystokinin receptor type A'
#
loop_
_entity_poly.entity_id
_entity_poly.type
_entity_poly.pdbx_seq_one_letter_code
_entity_poly.pdbx_strand_id
1 'polypeptide(L)' D(TYS)MGWMDF(NH2) L
2 'polypeptide(L)'
;MGCLGNSKTEDQRNEEKAQREANKKIEKQLQKDKQVYRATHRLLLLGAGESGKNTIVKQMRILHVNGFNGDSEKATKVQD
IKNNLKEAIETIVAAMSNLVPPVELANPENQFRVDYILSVMNVPDFDFPPEFYEHAKALWEDEGVRACYERSNEYQLIDC
AQYFLDKIDVIKQADYVPSDQDLLRCRVLTSGIFETKFQVDKVNFHMFDVGAQRDERRKWIQCFNDVTAIIFVVASSSYN
MVIREDNQTNRLQAALKLFDSIWNNKWLRDTSVILFLNKQDLLAEKVLAGKSKIEDYFPEFARYTTPEDATPEPGEDPRV
TRAKYFIRDEFLRISTASGDGRHYCYPHFTCAVDTENIRRVFNDCRDIIQRMHLRQYELL
;
A
3 'polypeptide(L)'
;MHHHHHHLEVLFQGPGSSGSELDQLRQEAEQLKNQIRDARKACADATLSQITNNIDPVGRIQMRTRRTLRGHLAKIYAMH
WGTDSRLLVSASQDGKLIIWDSYTTNKVHAIPLRSSWVMTCAYAPSGNYVACGGLDNICSIYNLKTREGNVRVSRELAGH
TGYLSCCRFLDDNQIVTSSGDTTCALWDIETGQQTTTFTGHTGDVMSLSLAPDTRLFVSGACDASAKLWDVREGMCRQTF
TGHESDINAICFFPNGNAFATGSDDATCRLFDLRADQELMTYSHDNIICGITSVSFSKSGRLLLAGYDDFNCNVWDALKA
DRAGVLAGHDNRVSCLGVTDDGMAVATGSWDSFLKIWNGSSGGGGSGGGGSSGVSGWRLFKKIS
;
B
4 'polypeptide(L)' MASNNTASIAQARKLVEQLKMEANIDRIKVSKAAADLMAYCEAHAKEDPLLTPVPASENPFREKKFFCAIL G
5 'polypeptide(L)'
;QVQLQESGGGLVQPGGSLRLSCAASGFTFSNYKMNWVRQAPGKGLEWVSDISQSGASISYTGSVKGRFTISRDNAKNTLY
LQMNSLKPEDTAVYYCARCPAPFTRDCFDVTSTTYAYRGQGTQVTV
;
N
6 'polypeptide(L)'
;MDVVDSLLVNGSNITPPCELGLENETLFCLDQPRPSKEWQPAVQILLYSLIFLLSVLGNTLVITVLIRNKRMRTVTNIFL
LSLAVSDLMLCLFCMPFNLIPNLLKDFIFGSAVCKTTTYFMGTSVSVSTFNLVAISLERYGAICKPLQSRVWQTKSHALK
VIAATWCLSFTIMTPYPIYSNLVPFTKNNNQTANMCRFLLPNDVMQQSWHTFLLLILFLIPGIVMMVAYGLISLELYQGI
KFEASQKKSAKERKPSTTSSGKYEDSDGCYLQKTRPPRKLELRQLSTGSSSRANRIRSNSSAANLMAKKRVIRMLIVIVV
LFFLCWMPIFSANAWRAYDTASAERRLSGTPISFILLLSYTSSCVNPIIYCFMNKRFRLGFMATFPCCPNPGPPGARGEV
GEEEEGGTTGASLSRFSYSHMSASVPPQ
;
R
#
# COMPACT_ATOMS: atom_id res chain seq x y z
N ASP A 1 -48.99 -2.93 46.77
CA ASP A 1 -47.93 -2.31 47.54
C ASP A 1 -46.59 -2.52 46.84
N MET A 3 -43.94 -0.71 44.99
CA MET A 3 -43.48 0.65 44.75
C MET A 3 -42.03 0.70 44.32
N GLY A 4 -41.36 -0.43 44.41
CA GLY A 4 -39.97 -0.43 44.05
C GLY A 4 -39.78 -0.24 42.58
N TRP A 5 -38.65 0.33 42.22
CA TRP A 5 -38.39 0.42 40.81
C TRP A 5 -37.04 -0.23 40.63
N MET A 6 -36.61 -0.99 41.63
CA MET A 6 -35.32 -1.68 41.65
C MET A 6 -34.24 -0.67 41.29
N ASP A 7 -33.45 -1.02 40.29
CA ASP A 7 -32.44 -0.11 39.74
C ASP A 7 -32.52 -0.11 38.23
N PHE A 8 -31.57 0.59 37.61
CA PHE A 8 -31.38 0.61 36.18
C PHE A 8 -30.77 -0.69 35.67
N ASP B 11 17.10 -34.89 23.14
CA ASP B 11 17.35 -33.80 24.06
C ASP B 11 17.35 -32.46 23.32
N GLN B 12 16.21 -32.13 22.72
CA GLN B 12 16.06 -30.91 21.94
C GLN B 12 15.29 -29.81 22.68
N ARG B 13 14.74 -30.10 23.86
CA ARG B 13 13.88 -29.13 24.53
C ARG B 13 14.66 -27.89 24.96
N ASN B 14 15.86 -28.06 25.51
CA ASN B 14 16.64 -26.91 25.94
C ASN B 14 17.07 -26.06 24.75
N GLU B 15 17.22 -26.68 23.58
CA GLU B 15 17.50 -25.91 22.36
C GLU B 15 16.33 -25.03 21.99
N GLU B 16 15.11 -25.55 22.09
CA GLU B 16 13.93 -24.73 21.86
C GLU B 16 13.77 -23.66 22.93
N LYS B 17 14.25 -23.92 24.15
CA LYS B 17 14.22 -22.89 25.18
C LYS B 17 15.18 -21.75 24.84
N ALA B 18 16.38 -22.08 24.39
CA ALA B 18 17.32 -21.06 23.93
C ALA B 18 16.73 -20.26 22.76
N GLN B 19 16.08 -20.96 21.83
CA GLN B 19 15.46 -20.27 20.70
C GLN B 19 14.34 -19.35 21.16
N ARG B 20 13.58 -19.77 22.18
CA ARG B 20 12.52 -18.91 22.69
C ARG B 20 13.07 -17.69 23.41
N GLU B 21 14.21 -17.84 24.10
CA GLU B 21 14.83 -16.67 24.72
C GLU B 21 15.36 -15.69 23.65
N ALA B 22 15.95 -16.23 22.59
CA ALA B 22 16.42 -15.39 21.50
C ALA B 22 15.27 -14.76 20.72
N ASN B 23 14.07 -15.35 20.79
CA ASN B 23 12.89 -14.70 20.23
C ASN B 23 12.39 -13.61 21.17
N LYS B 24 12.45 -13.85 22.48
CA LYS B 24 11.97 -12.88 23.45
C LYS B 24 12.78 -11.59 23.40
N LYS B 25 14.11 -11.72 23.40
CA LYS B 25 14.94 -10.51 23.36
C LYS B 25 14.72 -9.73 22.06
N ILE B 26 14.57 -10.43 20.95
CA ILE B 26 14.36 -9.75 19.67
C ILE B 26 13.00 -9.07 19.64
N GLU B 27 11.98 -9.68 20.25
CA GLU B 27 10.69 -8.99 20.30
C GLU B 27 10.73 -7.79 21.24
N LYS B 28 11.52 -7.87 22.31
CA LYS B 28 11.67 -6.71 23.18
C LYS B 28 12.41 -5.57 22.48
N GLN B 29 13.28 -5.90 21.52
CA GLN B 29 13.89 -4.86 20.71
C GLN B 29 12.92 -4.33 19.66
N LEU B 30 12.14 -5.22 19.06
CA LEU B 30 11.19 -4.82 18.03
C LEU B 30 10.07 -3.96 18.58
N GLN B 31 9.74 -4.08 19.87
CA GLN B 31 8.73 -3.20 20.45
C GLN B 31 9.25 -1.77 20.54
N LYS B 32 10.48 -1.58 21.02
CA LYS B 32 11.08 -0.25 21.02
C LYS B 32 11.25 0.30 19.62
N ASP B 33 11.55 -0.58 18.65
CA ASP B 33 11.70 -0.10 17.28
C ASP B 33 10.35 0.30 16.68
N LYS B 34 9.29 -0.44 17.00
CA LYS B 34 7.95 -0.05 16.57
C LYS B 34 7.51 1.25 17.24
N GLN B 35 7.99 1.50 18.46
CA GLN B 35 7.64 2.75 19.13
C GLN B 35 8.47 3.93 18.65
N VAL B 36 9.64 3.68 18.06
CA VAL B 36 10.42 4.75 17.46
C VAL B 36 10.14 4.90 15.97
N TYR B 37 9.38 3.99 15.37
CA TYR B 37 9.02 4.09 13.96
C TYR B 37 7.68 4.79 13.74
N ARG B 38 6.76 4.71 14.70
CA ARG B 38 5.49 5.42 14.59
C ARG B 38 5.59 6.87 14.99
N ALA B 39 6.61 7.24 15.75
CA ALA B 39 6.91 8.63 16.05
C ALA B 39 7.75 9.28 14.97
N THR B 40 7.94 8.60 13.84
CA THR B 40 8.75 9.09 12.73
C THR B 40 7.90 9.13 11.48
N HIS B 41 7.82 10.29 10.85
CA HIS B 41 7.07 10.47 9.61
C HIS B 41 8.05 10.71 8.48
N ARG B 42 7.85 10.04 7.36
CA ARG B 42 8.77 10.05 6.23
C ARG B 42 8.22 10.92 5.11
N LEU B 43 9.11 11.67 4.47
CA LEU B 43 8.73 12.65 3.45
C LEU B 43 9.66 12.49 2.26
N LEU B 44 9.10 12.16 1.10
CA LEU B 44 9.91 12.04 -0.10
C LEU B 44 10.07 13.41 -0.75
N LEU B 45 11.31 13.89 -0.87
CA LEU B 45 11.59 15.20 -1.44
C LEU B 45 11.96 15.02 -2.92
N LEU B 46 11.05 15.39 -3.81
CA LEU B 46 11.30 15.36 -5.25
C LEU B 46 11.52 16.78 -5.74
N GLY B 47 12.63 16.98 -6.47
CA GLY B 47 12.92 18.25 -7.09
C GLY B 47 13.23 18.08 -8.57
N ALA B 48 12.97 19.10 -9.37
CA ALA B 48 13.19 19.04 -10.81
C ALA B 48 14.58 19.54 -11.16
N GLY B 49 14.83 19.73 -12.46
CA GLY B 49 16.12 20.18 -12.93
C GLY B 49 16.51 21.56 -12.45
N GLU B 50 15.79 22.58 -12.91
CA GLU B 50 16.03 23.95 -12.47
C GLU B 50 15.29 24.29 -11.19
N SER B 51 14.43 23.41 -10.69
CA SER B 51 13.70 23.66 -9.46
C SER B 51 14.61 23.43 -8.25
N GLY B 52 14.43 24.27 -7.23
CA GLY B 52 15.31 24.28 -6.08
C GLY B 52 14.99 23.27 -4.99
N LYS B 53 15.34 22.00 -5.22
CA LYS B 53 15.24 21.01 -4.15
C LYS B 53 16.18 21.36 -3.00
N ASN B 54 17.43 21.70 -3.32
CA ASN B 54 18.42 21.99 -2.30
C ASN B 54 18.15 23.31 -1.59
N THR B 55 17.47 24.26 -2.24
CA THR B 55 17.11 25.49 -1.51
C THR B 55 15.88 25.29 -0.65
N ILE B 56 15.10 24.23 -0.88
CA ILE B 56 14.13 23.78 0.10
C ILE B 56 14.84 23.07 1.24
N VAL B 57 15.95 22.39 0.94
CA VAL B 57 16.74 21.75 1.99
C VAL B 57 17.36 22.81 2.91
N LYS B 58 17.94 23.87 2.32
CA LYS B 58 18.73 24.82 3.08
C LYS B 58 17.90 25.54 4.14
N GLN B 59 16.65 25.86 3.82
CA GLN B 59 15.77 26.50 4.78
C GLN B 59 15.37 25.58 5.92
N MET B 60 15.65 24.29 5.82
CA MET B 60 15.33 23.33 6.86
C MET B 60 16.58 22.82 7.56
N SER B 191 26.26 8.96 -2.85
CA SER B 191 25.37 7.82 -2.66
C SER B 191 24.06 8.02 -3.42
N GLY B 192 23.25 6.96 -3.47
CA GLY B 192 21.98 7.00 -4.17
C GLY B 192 20.81 7.50 -3.37
N ILE B 193 21.03 7.92 -2.13
CA ILE B 193 19.96 8.45 -1.29
C ILE B 193 20.61 9.28 -0.18
N PHE B 194 19.96 10.39 0.17
CA PHE B 194 20.45 11.27 1.22
C PHE B 194 19.34 11.48 2.25
N GLU B 195 19.76 11.70 3.49
CA GLU B 195 18.85 11.64 4.64
C GLU B 195 18.96 12.94 5.44
N THR B 196 17.82 13.63 5.60
CA THR B 196 17.75 14.79 6.50
C THR B 196 16.71 14.53 7.56
N LYS B 197 17.04 14.81 8.81
CA LYS B 197 16.17 14.54 9.94
C LYS B 197 15.68 15.85 10.55
N PHE B 198 14.43 15.83 11.01
CA PHE B 198 13.74 17.01 11.50
C PHE B 198 13.25 16.77 12.91
N GLN B 199 13.57 17.71 13.81
CA GLN B 199 12.97 17.77 15.13
C GLN B 199 12.14 19.04 15.20
N VAL B 200 10.82 18.90 15.20
CA VAL B 200 9.92 20.05 15.26
C VAL B 200 8.69 19.68 16.07
N ASP B 201 8.37 20.53 17.05
CA ASP B 201 7.26 20.30 17.99
C ASP B 201 7.42 18.94 18.67
N LYS B 202 8.67 18.58 18.98
CA LYS B 202 9.02 17.29 19.57
C LYS B 202 8.51 16.15 18.71
N VAL B 203 8.63 16.29 17.40
CA VAL B 203 8.23 15.29 16.42
C VAL B 203 9.40 15.10 15.46
N ASN B 204 9.60 13.87 15.00
CA ASN B 204 10.74 13.49 14.18
C ASN B 204 10.28 13.18 12.77
N PHE B 205 10.79 13.93 11.80
CA PHE B 205 10.53 13.72 10.39
C PHE B 205 11.79 13.24 9.68
N HIS B 206 11.59 12.55 8.56
CA HIS B 206 12.67 12.12 7.68
C HIS B 206 12.38 12.60 6.27
N MET B 207 13.38 13.22 5.64
CA MET B 207 13.27 13.69 4.27
C MET B 207 14.36 13.01 3.44
N PHE B 208 13.94 12.35 2.36
CA PHE B 208 14.81 11.51 1.54
C PHE B 208 15.17 12.27 0.27
N ASP B 209 16.31 12.95 0.30
CA ASP B 209 16.83 13.60 -0.90
C ASP B 209 17.37 12.52 -1.82
N VAL B 210 16.55 12.06 -2.76
CA VAL B 210 16.96 10.99 -3.67
C VAL B 210 17.83 11.61 -4.75
N GLY B 211 19.12 11.29 -4.70
CA GLY B 211 20.12 11.94 -5.53
C GLY B 211 20.58 11.14 -6.72
N ALA B 212 21.76 10.52 -6.58
CA ALA B 212 22.40 9.86 -7.70
C ALA B 212 21.75 8.55 -8.09
N GLN B 213 20.54 8.63 -8.64
CA GLN B 213 19.81 7.49 -9.15
C GLN B 213 19.66 7.63 -10.67
N ARG B 214 18.90 6.72 -11.26
CA ARG B 214 18.59 6.81 -12.68
C ARG B 214 17.48 7.83 -12.90
N ASP B 215 17.48 8.42 -14.10
CA ASP B 215 16.52 9.46 -14.43
C ASP B 215 15.11 8.90 -14.61
N GLU B 216 15.01 7.68 -15.12
CA GLU B 216 13.73 7.02 -15.31
C GLU B 216 13.21 6.49 -13.98
N ARG B 217 12.10 7.05 -13.49
CA ARG B 217 11.66 6.84 -12.12
C ARG B 217 10.47 5.91 -11.97
N ARG B 218 10.07 5.18 -13.00
CA ARG B 218 8.86 4.39 -12.86
C ARG B 218 9.06 3.11 -12.06
N LYS B 219 10.22 2.89 -11.46
CA LYS B 219 10.49 1.64 -10.77
C LYS B 219 10.95 1.86 -9.34
N TRP B 220 11.53 3.01 -9.03
CA TRP B 220 11.88 3.33 -7.66
C TRP B 220 10.96 4.37 -7.04
N ILE B 221 9.95 4.83 -7.77
CA ILE B 221 8.94 5.70 -7.16
C ILE B 221 7.91 4.90 -6.39
N GLN B 222 7.82 3.59 -6.62
CA GLN B 222 6.89 2.74 -5.88
C GLN B 222 7.37 2.44 -4.47
N CYS B 223 8.65 2.69 -4.18
CA CYS B 223 9.14 2.55 -2.82
C CYS B 223 8.46 3.54 -1.89
N PHE B 224 8.31 4.79 -2.33
CA PHE B 224 7.79 5.87 -1.50
C PHE B 224 6.27 6.00 -1.61
N ASN B 225 5.54 4.92 -1.39
CA ASN B 225 4.09 5.00 -1.29
C ASN B 225 3.60 4.93 0.15
N ASP B 226 4.51 4.84 1.12
CA ASP B 226 4.17 4.84 2.52
C ASP B 226 4.58 6.11 3.25
N VAL B 227 5.32 7.00 2.58
CA VAL B 227 5.69 8.26 3.19
C VAL B 227 4.45 9.11 3.44
N THR B 228 4.57 10.03 4.41
CA THR B 228 3.46 10.92 4.71
C THR B 228 3.20 11.88 3.55
N ALA B 229 4.24 12.55 3.09
CA ALA B 229 4.10 13.61 2.10
C ALA B 229 5.19 13.50 1.04
N ILE B 230 4.82 13.80 -0.20
CA ILE B 230 5.76 13.98 -1.28
C ILE B 230 5.96 15.49 -1.46
N ILE B 231 7.05 16.01 -0.91
CA ILE B 231 7.40 17.41 -1.09
C ILE B 231 7.85 17.59 -2.54
N PHE B 232 7.00 18.23 -3.34
CA PHE B 232 7.17 18.31 -4.79
C PHE B 232 7.58 19.73 -5.14
N VAL B 233 8.87 19.94 -5.38
CA VAL B 233 9.38 21.26 -5.72
C VAL B 233 9.23 21.47 -7.22
N VAL B 234 8.82 22.68 -7.62
CA VAL B 234 8.64 23.03 -9.02
C VAL B 234 9.26 24.41 -9.23
N ALA B 235 9.73 24.65 -10.45
CA ALA B 235 10.20 25.96 -10.86
C ALA B 235 9.04 26.82 -11.34
N SER B 236 9.33 28.10 -11.60
CA SER B 236 8.33 29.04 -12.06
C SER B 236 9.00 29.98 -13.07
N SER B 237 8.76 29.75 -14.35
CA SER B 237 9.36 30.56 -15.40
C SER B 237 8.50 30.56 -16.66
N GLN B 248 17.48 26.69 -22.33
CA GLN B 248 16.18 26.90 -21.72
C GLN B 248 15.10 26.12 -22.46
N THR B 249 14.80 24.92 -21.96
CA THR B 249 13.77 24.09 -22.53
C THR B 249 12.44 24.33 -21.81
N ASN B 250 11.41 23.57 -22.20
CA ASN B 250 10.09 23.70 -21.59
C ASN B 250 10.13 23.01 -20.23
N ARG B 251 10.51 23.78 -19.21
CA ARG B 251 10.67 23.22 -17.87
C ARG B 251 9.35 23.10 -17.13
N LEU B 252 8.48 24.11 -17.25
CA LEU B 252 7.21 24.08 -16.54
C LEU B 252 6.31 22.95 -17.04
N GLN B 253 6.28 22.73 -18.36
CA GLN B 253 5.49 21.63 -18.89
C GLN B 253 6.05 20.28 -18.47
N ALA B 254 7.38 20.16 -18.40
CA ALA B 254 7.99 18.93 -17.93
C ALA B 254 7.62 18.65 -16.48
N ALA B 255 7.70 19.67 -15.63
CA ALA B 255 7.33 19.49 -14.23
C ALA B 255 5.83 19.19 -14.08
N LEU B 256 5.00 19.80 -14.93
CA LEU B 256 3.57 19.54 -14.87
C LEU B 256 3.24 18.13 -15.32
N LYS B 257 3.97 17.61 -16.31
CA LYS B 257 3.72 16.23 -16.75
C LYS B 257 4.25 15.23 -15.73
N LEU B 258 5.38 15.54 -15.08
CA LEU B 258 5.84 14.71 -13.97
C LEU B 258 4.81 14.70 -12.84
N PHE B 259 4.21 15.84 -12.55
CA PHE B 259 3.18 15.91 -11.51
C PHE B 259 1.96 15.09 -11.90
N ASP B 260 1.48 15.25 -13.13
CA ASP B 260 0.34 14.48 -13.60
C ASP B 260 0.64 12.98 -13.56
N SER B 261 1.88 12.60 -13.84
CA SER B 261 2.27 11.19 -13.78
C SER B 261 2.22 10.68 -12.35
N ILE B 262 2.93 11.36 -11.44
CA ILE B 262 3.01 10.92 -10.05
C ILE B 262 1.63 10.87 -9.42
N TRP B 263 0.84 11.92 -9.61
CA TRP B 263 -0.48 12.04 -9.01
C TRP B 263 -1.42 10.91 -9.41
N ASN B 264 -1.20 10.28 -10.57
CA ASN B 264 -2.12 9.29 -11.11
C ASN B 264 -1.62 7.86 -10.98
N ASN B 265 -0.58 7.63 -10.19
CA ASN B 265 -0.01 6.29 -10.07
C ASN B 265 -0.93 5.39 -9.23
N LYS B 266 -0.88 4.10 -9.51
CA LYS B 266 -1.78 3.16 -8.84
C LYS B 266 -1.40 2.95 -7.38
N TRP B 267 -0.13 3.12 -7.04
CA TRP B 267 0.32 2.95 -5.66
C TRP B 267 0.45 4.27 -4.92
N LEU B 268 0.58 5.38 -5.64
CA LEU B 268 0.66 6.71 -5.03
C LEU B 268 -0.70 7.40 -5.00
N ARG B 269 -1.78 6.67 -5.22
CA ARG B 269 -3.13 7.22 -5.14
C ARG B 269 -3.60 7.42 -3.71
N ASP B 270 -2.73 7.18 -2.73
CA ASP B 270 -3.00 7.48 -1.34
C ASP B 270 -1.98 8.41 -0.72
N THR B 271 -0.76 8.46 -1.24
CA THR B 271 0.28 9.33 -0.71
C THR B 271 -0.01 10.76 -1.13
N SER B 272 -0.13 11.65 -0.16
CA SER B 272 -0.44 13.04 -0.47
C SER B 272 0.81 13.78 -0.93
N VAL B 273 0.59 14.90 -1.61
CA VAL B 273 1.65 15.73 -2.14
C VAL B 273 1.61 17.08 -1.45
N ILE B 274 2.78 17.70 -1.31
CA ILE B 274 2.92 19.04 -0.77
C ILE B 274 3.69 19.82 -1.81
N LEU B 275 2.97 20.60 -2.62
CA LEU B 275 3.56 21.30 -3.75
C LEU B 275 4.27 22.57 -3.29
N PHE B 276 5.42 22.84 -3.89
CA PHE B 276 6.14 24.09 -3.68
C PHE B 276 6.47 24.69 -5.04
N LEU B 277 6.40 26.02 -5.12
CA LEU B 277 6.67 26.77 -6.35
C LEU B 277 7.82 27.72 -6.03
N ASN B 278 9.04 27.24 -6.22
CA ASN B 278 10.21 27.95 -5.73
C ASN B 278 10.53 29.17 -6.59
N LYS B 279 11.52 29.92 -6.13
CA LYS B 279 12.11 31.08 -6.82
C LYS B 279 11.06 31.96 -7.50
N GLN B 280 10.10 32.44 -6.71
CA GLN B 280 9.19 33.45 -7.21
C GLN B 280 9.89 34.79 -7.44
N ASP B 281 11.05 35.00 -6.80
CA ASP B 281 11.85 36.18 -7.10
C ASP B 281 12.35 36.15 -8.54
N LEU B 282 12.65 34.96 -9.05
CA LEU B 282 13.00 34.83 -10.47
C LEU B 282 11.85 35.30 -11.35
N LEU B 283 10.61 34.93 -11.00
CA LEU B 283 9.46 35.42 -11.76
C LEU B 283 9.32 36.93 -11.63
N ALA B 284 9.55 37.47 -10.43
CA ALA B 284 9.40 38.90 -10.22
C ALA B 284 10.43 39.70 -11.00
N GLU B 285 11.63 39.15 -11.18
CA GLU B 285 12.66 39.84 -11.95
C GLU B 285 12.62 39.52 -13.45
N LYS B 286 11.90 38.48 -13.86
CA LYS B 286 11.80 38.17 -15.29
C LYS B 286 10.54 38.72 -15.95
N VAL B 287 9.45 38.91 -15.19
CA VAL B 287 8.23 39.43 -15.79
C VAL B 287 8.25 40.96 -15.84
N LEU B 288 8.76 41.60 -14.79
CA LEU B 288 8.88 43.05 -14.79
C LEU B 288 9.93 43.54 -15.78
N ALA B 289 10.95 42.74 -16.07
CA ALA B 289 12.00 43.14 -17.00
C ALA B 289 11.54 42.94 -18.45
N LYS B 293 5.98 36.54 -22.52
CA LYS B 293 6.87 35.51 -23.07
C LYS B 293 6.30 34.13 -22.78
N ILE B 294 5.61 33.98 -21.65
CA ILE B 294 5.00 32.71 -21.27
C ILE B 294 3.78 32.39 -22.12
N GLU B 295 3.29 33.35 -22.90
CA GLU B 295 2.15 33.09 -23.77
C GLU B 295 2.49 32.08 -24.86
N ASP B 296 3.75 32.04 -25.29
CA ASP B 296 4.16 31.06 -26.28
C ASP B 296 4.07 29.64 -25.73
N TYR B 297 4.41 29.47 -24.46
CA TYR B 297 4.29 28.16 -23.80
C TYR B 297 2.95 27.97 -23.10
N PHE B 298 2.21 29.04 -22.84
CA PHE B 298 0.88 28.95 -22.22
C PHE B 298 0.03 30.07 -22.75
N PRO B 299 -0.74 29.83 -23.82
CA PRO B 299 -1.57 30.91 -24.39
C PRO B 299 -2.67 31.39 -23.46
N GLU B 300 -3.19 30.51 -22.59
CA GLU B 300 -4.26 30.89 -21.68
C GLU B 300 -3.87 32.05 -20.77
N PHE B 301 -2.56 32.24 -20.55
CA PHE B 301 -2.08 33.37 -19.76
C PHE B 301 -2.55 34.72 -20.33
N ALA B 302 -2.90 34.76 -21.62
CA ALA B 302 -3.45 35.99 -22.18
C ALA B 302 -4.87 36.24 -21.67
N ARG B 303 -5.69 35.20 -21.61
CA ARG B 303 -7.10 35.33 -21.23
C ARG B 303 -7.35 34.86 -19.80
N TYR B 304 -6.40 35.09 -18.90
CA TYR B 304 -6.53 34.72 -17.49
C TYR B 304 -6.49 35.96 -16.62
N THR B 305 -7.34 35.97 -15.59
CA THR B 305 -7.39 37.07 -14.63
C THR B 305 -7.26 36.49 -13.23
N THR B 306 -6.60 37.25 -12.36
CA THR B 306 -6.34 36.78 -11.01
C THR B 306 -7.66 36.60 -10.25
N PRO B 307 -7.83 35.50 -9.53
CA PRO B 307 -9.05 35.32 -8.72
C PRO B 307 -9.13 36.34 -7.60
N GLU B 308 -10.34 36.45 -7.03
CA GLU B 308 -10.56 37.34 -5.89
C GLU B 308 -9.81 36.87 -4.64
N ASP B 309 -9.49 35.58 -4.56
CA ASP B 309 -8.80 35.01 -3.40
C ASP B 309 -7.31 35.33 -3.38
N ALA B 310 -6.85 36.24 -4.23
CA ALA B 310 -5.43 36.57 -4.31
C ALA B 310 -4.92 37.16 -3.00
N THR B 311 -3.71 36.77 -2.62
CA THR B 311 -3.03 37.29 -1.44
C THR B 311 -1.72 37.93 -1.88
N PRO B 312 -1.79 39.11 -2.52
CA PRO B 312 -0.56 39.73 -3.07
C PRO B 312 0.27 40.37 -1.97
N GLU B 313 1.46 39.83 -1.75
CA GLU B 313 2.39 40.42 -0.80
C GLU B 313 2.89 41.76 -1.34
N PRO B 314 3.30 42.67 -0.45
CA PRO B 314 3.74 43.99 -0.92
C PRO B 314 5.02 43.92 -1.74
N GLY B 315 5.03 44.67 -2.84
CA GLY B 315 6.18 44.75 -3.72
C GLY B 315 6.09 43.92 -4.98
N GLU B 316 5.02 43.14 -5.17
CA GLU B 316 4.87 42.28 -6.33
C GLU B 316 3.91 42.90 -7.33
N ASP B 317 4.32 42.94 -8.59
CA ASP B 317 3.46 43.42 -9.65
C ASP B 317 2.31 42.44 -9.88
N PRO B 318 1.10 42.94 -10.13
CA PRO B 318 -0.03 42.02 -10.40
C PRO B 318 0.20 41.04 -11.53
N ARG B 319 1.07 41.35 -12.50
CA ARG B 319 1.35 40.37 -13.55
C ARG B 319 2.09 39.17 -13.00
N VAL B 320 3.07 39.39 -12.12
CA VAL B 320 3.81 38.29 -11.51
C VAL B 320 2.89 37.46 -10.62
N THR B 321 2.02 38.13 -9.85
CA THR B 321 1.06 37.41 -9.03
C THR B 321 0.11 36.59 -9.89
N ARG B 322 -0.30 37.15 -11.03
CA ARG B 322 -1.17 36.41 -11.95
C ARG B 322 -0.47 35.18 -12.49
N ALA B 323 0.79 35.30 -12.88
CA ALA B 323 1.55 34.14 -13.35
C ALA B 323 1.69 33.10 -12.25
N LYS B 324 1.97 33.55 -11.03
CA LYS B 324 2.12 32.64 -9.89
C LYS B 324 0.84 31.82 -9.67
N TYR B 325 -0.28 32.51 -9.50
CA TYR B 325 -1.54 31.82 -9.27
C TYR B 325 -2.01 31.07 -10.51
N PHE B 326 -1.52 31.45 -11.70
CA PHE B 326 -1.82 30.69 -12.90
C PHE B 326 -1.16 29.31 -12.85
N ILE B 327 0.14 29.28 -12.55
CA ILE B 327 0.83 28.00 -12.39
C ILE B 327 0.18 27.19 -11.28
N ARG B 328 -0.18 27.86 -10.17
CA ARG B 328 -0.89 27.18 -9.09
C ARG B 328 -2.16 26.53 -9.59
N ASP B 329 -2.94 27.25 -10.38
CA ASP B 329 -4.20 26.69 -10.90
C ASP B 329 -3.95 25.58 -11.91
N GLU B 330 -2.86 25.67 -12.68
CA GLU B 330 -2.47 24.56 -13.55
C GLU B 330 -2.28 23.29 -12.75
N PHE B 331 -1.56 23.39 -11.63
CA PHE B 331 -1.35 22.20 -10.80
C PHE B 331 -2.65 21.76 -10.13
N LEU B 332 -3.47 22.71 -9.68
CA LEU B 332 -4.69 22.36 -8.95
C LEU B 332 -5.77 21.77 -9.83
N ARG B 333 -5.78 22.07 -11.14
CA ARG B 333 -6.71 21.39 -12.03
C ARG B 333 -6.44 19.90 -12.06
N ILE B 334 -5.16 19.52 -12.21
CA ILE B 334 -4.77 18.12 -12.10
C ILE B 334 -5.14 17.58 -10.72
N SER B 335 -4.81 18.33 -9.67
CA SER B 335 -5.08 17.90 -8.31
C SER B 335 -6.55 17.52 -8.09
N THR B 336 -7.46 18.34 -8.63
CA THR B 336 -8.89 18.07 -8.42
C THR B 336 -9.42 17.01 -9.39
N ALA B 337 -9.01 17.05 -10.65
CA ALA B 337 -9.68 16.23 -11.66
C ALA B 337 -9.27 14.77 -11.58
N SER B 338 -7.99 14.49 -11.29
CA SER B 338 -7.48 13.13 -11.41
C SER B 338 -7.97 12.25 -10.26
N GLY B 339 -7.66 12.64 -9.02
CA GLY B 339 -7.91 11.81 -7.86
C GLY B 339 -9.39 11.59 -7.58
N ASP B 340 -9.64 10.90 -6.47
CA ASP B 340 -11.01 10.55 -6.08
C ASP B 340 -11.23 10.77 -4.58
N GLY B 341 -10.52 11.71 -3.97
CA GLY B 341 -10.73 12.04 -2.57
C GLY B 341 -9.92 11.23 -1.58
N ARG B 342 -8.76 10.72 -1.97
CA ARG B 342 -7.89 9.97 -1.06
C ARG B 342 -6.58 10.69 -0.75
N HIS B 343 -6.25 11.75 -1.47
CA HIS B 343 -5.06 12.53 -1.21
C HIS B 343 -5.32 13.96 -1.66
N TYR B 344 -4.48 14.88 -1.18
CA TYR B 344 -4.71 16.30 -1.43
C TYR B 344 -3.37 17.00 -1.62
N CYS B 345 -3.33 17.87 -2.62
CA CYS B 345 -2.14 18.67 -2.90
C CYS B 345 -2.23 20.00 -2.19
N TYR B 346 -1.12 20.42 -1.57
CA TYR B 346 -1.06 21.64 -0.75
C TYR B 346 -0.10 22.62 -1.40
N PRO B 347 -0.58 23.47 -2.32
CA PRO B 347 0.30 24.46 -2.93
C PRO B 347 0.86 25.42 -1.89
N HIS B 348 2.09 25.88 -2.13
CA HIS B 348 2.78 26.74 -1.16
C HIS B 348 3.79 27.58 -1.94
N PHE B 349 3.49 28.87 -2.11
CA PHE B 349 4.35 29.78 -2.87
C PHE B 349 5.58 30.12 -2.03
N THR B 350 6.50 29.16 -1.95
CA THR B 350 7.75 29.39 -1.24
C THR B 350 8.59 30.43 -1.96
N CYS B 351 9.45 31.08 -1.20
CA CYS B 351 10.33 32.11 -1.72
C CYS B 351 11.76 31.56 -1.85
N ALA B 352 12.70 32.45 -2.16
CA ALA B 352 14.11 32.05 -2.24
C ALA B 352 14.58 31.49 -0.91
N VAL B 353 14.46 32.27 0.16
CA VAL B 353 14.85 31.84 1.50
C VAL B 353 13.80 32.33 2.50
N ASP B 354 13.10 31.40 3.14
CA ASP B 354 12.24 31.71 4.28
C ASP B 354 12.07 30.44 5.09
N THR B 355 12.48 30.49 6.37
CA THR B 355 12.49 29.31 7.22
C THR B 355 11.09 28.78 7.49
N GLU B 356 10.08 29.65 7.40
CA GLU B 356 8.68 29.27 7.65
C GLU B 356 8.26 28.01 6.91
N ASN B 357 8.94 27.69 5.80
CA ASN B 357 8.69 26.45 5.06
C ASN B 357 8.55 25.23 5.98
N ILE B 358 9.44 25.12 6.98
CA ILE B 358 9.38 23.99 7.90
C ILE B 358 7.99 23.90 8.54
N ARG B 359 7.52 25.02 9.10
CA ARG B 359 6.17 25.05 9.65
C ARG B 359 5.14 24.66 8.59
N ARG B 360 5.29 25.21 7.37
CA ARG B 360 4.36 24.87 6.30
C ARG B 360 4.38 23.39 5.98
N VAL B 361 5.51 22.72 6.25
CA VAL B 361 5.51 21.26 6.21
C VAL B 361 4.71 20.71 7.38
N PHE B 362 5.13 21.05 8.60
CA PHE B 362 4.59 20.46 9.83
C PHE B 362 3.07 20.50 9.84
N ASN B 363 2.51 21.71 9.79
CA ASN B 363 1.06 21.88 9.81
C ASN B 363 0.38 21.05 8.73
N ASP B 364 0.94 21.06 7.52
CA ASP B 364 0.31 20.31 6.44
C ASP B 364 0.36 18.80 6.71
N CYS B 365 1.45 18.31 7.29
CA CYS B 365 1.49 16.92 7.70
C CYS B 365 0.34 16.60 8.65
N ARG B 366 0.03 17.55 9.54
CA ARG B 366 -1.16 17.45 10.38
C ARG B 366 -2.39 17.09 9.55
N ASP B 367 -2.67 17.92 8.54
CA ASP B 367 -3.84 17.67 7.69
C ASP B 367 -3.73 16.34 6.98
N ILE B 368 -2.52 15.89 6.68
CA ILE B 368 -2.38 14.59 6.02
C ILE B 368 -2.72 13.46 6.99
N ILE B 369 -2.38 13.64 8.26
CA ILE B 369 -2.64 12.58 9.24
C ILE B 369 -4.10 12.58 9.66
N GLN B 370 -4.60 13.73 10.09
CA GLN B 370 -5.95 13.85 10.66
C GLN B 370 -7.01 13.23 9.74
N ARG B 371 -7.02 13.64 8.46
CA ARG B 371 -8.05 13.13 7.55
C ARG B 371 -7.94 11.62 7.39
N MET B 372 -6.72 11.07 7.44
CA MET B 372 -6.58 9.62 7.40
C MET B 372 -7.30 8.98 8.59
N HIS B 373 -7.13 9.55 9.78
CA HIS B 373 -7.87 9.09 10.95
C HIS B 373 -9.37 9.15 10.70
N LEU B 374 -9.82 10.14 9.92
CA LEU B 374 -11.24 10.29 9.61
C LEU B 374 -11.69 9.40 8.46
N ARG B 375 -10.90 8.38 8.10
CA ARG B 375 -11.35 7.40 7.12
C ARG B 375 -12.06 6.21 7.76
N GLN B 376 -11.81 5.96 9.05
CA GLN B 376 -12.50 4.88 9.76
C GLN B 376 -13.96 5.24 10.00
N TYR B 377 -14.22 6.47 10.43
CA TYR B 377 -15.55 6.91 10.85
C TYR B 377 -16.46 7.27 9.68
N GLU B 378 -16.12 6.88 8.46
CA GLU B 378 -16.97 7.17 7.31
C GLU B 378 -17.95 6.04 7.07
N LEU B 379 -19.16 6.39 6.64
CA LEU B 379 -20.21 5.42 6.40
C LEU B 379 -20.70 5.54 4.97
N LEU B 380 -21.35 4.47 4.50
CA LEU B 380 -21.92 4.40 3.16
C LEU B 380 -20.87 4.68 2.08
N GLU C 21 26.69 6.95 -42.76
CA GLU C 21 27.39 5.75 -42.32
C GLU C 21 26.57 5.01 -41.27
N LEU C 22 25.87 5.78 -40.42
CA LEU C 22 25.05 5.17 -39.38
C LEU C 22 23.88 4.39 -39.97
N ASP C 23 23.35 4.86 -41.11
CA ASP C 23 22.26 4.14 -41.76
C ASP C 23 22.71 2.75 -42.23
N GLN C 24 23.97 2.62 -42.61
CA GLN C 24 24.51 1.30 -42.92
C GLN C 24 24.44 0.39 -41.70
N LEU C 25 24.76 0.91 -40.52
CA LEU C 25 24.69 0.09 -39.32
C LEU C 25 23.25 -0.25 -38.97
N ARG C 26 22.33 0.70 -39.15
CA ARG C 26 20.91 0.42 -38.92
C ARG C 26 20.41 -0.67 -39.84
N GLN C 27 20.78 -0.63 -41.13
CA GLN C 27 20.30 -1.66 -42.05
C GLN C 27 20.98 -3.00 -41.81
N GLU C 28 22.23 -2.99 -41.34
CA GLU C 28 22.87 -4.24 -40.94
C GLU C 28 22.13 -4.87 -39.75
N ALA C 29 21.80 -4.05 -38.74
CA ALA C 29 21.06 -4.56 -37.60
C ALA C 29 19.68 -5.06 -38.00
N GLU C 30 19.04 -4.36 -38.95
CA GLU C 30 17.74 -4.79 -39.43
C GLU C 30 17.84 -6.12 -40.17
N GLN C 31 18.87 -6.31 -40.98
CA GLN C 31 19.03 -7.56 -41.71
C GLN C 31 19.35 -8.71 -40.74
N LEU C 32 20.17 -8.45 -39.72
CA LEU C 32 20.46 -9.49 -38.74
C LEU C 32 19.22 -9.85 -37.93
N LYS C 33 18.40 -8.84 -37.58
CA LYS C 33 17.14 -9.13 -36.90
C LYS C 33 16.20 -9.94 -37.78
N ASN C 34 16.15 -9.61 -39.07
CA ASN C 34 15.31 -10.36 -40.00
C ASN C 34 15.78 -11.81 -40.12
N GLN C 35 17.09 -12.02 -40.20
CA GLN C 35 17.57 -13.39 -40.36
C GLN C 35 17.44 -14.20 -39.07
N ILE C 36 17.59 -13.57 -37.91
CA ILE C 36 17.38 -14.34 -36.68
C ILE C 36 15.90 -14.63 -36.48
N ARG C 37 15.01 -13.71 -36.90
CA ARG C 37 13.59 -14.01 -36.88
C ARG C 37 13.25 -15.14 -37.82
N ASP C 38 13.87 -15.17 -39.00
CA ASP C 38 13.64 -16.26 -39.94
C ASP C 38 14.13 -17.59 -39.39
N ALA C 39 15.30 -17.58 -38.73
CA ALA C 39 15.82 -18.79 -38.11
C ALA C 39 14.88 -19.28 -37.00
N ARG C 40 14.40 -18.36 -36.16
CA ARG C 40 13.50 -18.73 -35.07
C ARG C 40 12.19 -19.28 -35.62
N LYS C 41 11.69 -18.71 -36.71
CA LYS C 41 10.46 -19.23 -37.31
C LYS C 41 10.69 -20.61 -37.94
N ALA C 42 11.86 -20.79 -38.57
CA ALA C 42 12.17 -22.09 -39.16
C ALA C 42 12.35 -23.17 -38.10
N CYS C 43 12.83 -22.81 -36.91
CA CYS C 43 12.91 -23.78 -35.83
C CYS C 43 11.55 -24.14 -35.26
N ALA C 44 10.55 -23.27 -35.44
CA ALA C 44 9.20 -23.54 -34.96
C ALA C 44 8.59 -24.66 -35.79
N ASP C 45 8.55 -25.87 -35.23
CA ASP C 45 7.97 -27.02 -35.89
C ASP C 45 6.53 -27.29 -35.47
N ALA C 46 6.18 -27.01 -34.22
CA ALA C 46 4.83 -27.21 -33.73
C ALA C 46 4.64 -26.29 -32.52
N THR C 47 3.53 -26.49 -31.81
CA THR C 47 3.22 -25.73 -30.60
C THR C 47 3.30 -26.67 -29.40
N LEU C 48 3.77 -26.13 -28.27
CA LEU C 48 3.81 -26.92 -27.04
C LEU C 48 2.44 -27.48 -26.69
N SER C 49 1.38 -26.70 -26.96
CA SER C 49 0.03 -27.21 -26.78
C SER C 49 -0.26 -28.36 -27.74
N GLN C 50 0.26 -28.27 -28.97
CA GLN C 50 0.06 -29.35 -29.94
C GLN C 50 0.79 -30.62 -29.52
N ILE C 51 1.90 -30.49 -28.80
CA ILE C 51 2.61 -31.67 -28.33
C ILE C 51 1.99 -32.22 -27.05
N THR C 52 1.39 -31.37 -26.23
CA THR C 52 0.88 -31.78 -24.92
C THR C 52 -0.63 -31.88 -24.86
N ASN C 53 -1.32 -31.83 -26.00
CA ASN C 53 -2.78 -31.96 -25.99
C ASN C 53 -3.25 -33.32 -25.47
N ASN C 54 -2.41 -34.36 -25.57
CA ASN C 54 -2.77 -35.70 -25.13
C ASN C 54 -2.33 -35.99 -23.69
N ILE C 55 -1.90 -34.96 -22.95
CA ILE C 55 -1.43 -35.20 -21.60
C ILE C 55 -2.62 -35.42 -20.67
N ASP C 56 -2.34 -35.95 -19.48
CA ASP C 56 -3.34 -36.18 -18.44
C ASP C 56 -3.19 -35.11 -17.38
N PRO C 57 -4.04 -34.07 -17.36
CA PRO C 57 -3.85 -32.97 -16.40
C PRO C 57 -4.20 -33.36 -14.98
N VAL C 58 -4.15 -32.39 -14.07
CA VAL C 58 -4.28 -32.65 -12.64
C VAL C 58 -5.46 -31.93 -12.01
N GLY C 59 -6.17 -31.07 -12.72
CA GLY C 59 -7.28 -30.36 -12.13
C GLY C 59 -6.82 -29.30 -11.14
N ARG C 60 -7.80 -28.79 -10.38
CA ARG C 60 -7.51 -27.77 -9.39
C ARG C 60 -6.59 -28.30 -8.31
N ILE C 61 -5.68 -27.44 -7.84
CA ILE C 61 -4.73 -27.78 -6.79
C ILE C 61 -4.89 -26.73 -5.69
N GLN C 62 -5.72 -27.03 -4.69
CA GLN C 62 -5.92 -26.10 -3.59
C GLN C 62 -4.71 -26.09 -2.67
N MET C 63 -4.47 -24.95 -2.05
CA MET C 63 -3.39 -24.79 -1.08
C MET C 63 -3.94 -24.10 0.15
N ARG C 64 -3.28 -24.31 1.28
CA ARG C 64 -3.75 -23.80 2.55
C ARG C 64 -2.62 -23.11 3.29
N THR C 65 -2.93 -22.00 3.93
CA THR C 65 -1.95 -21.29 4.74
C THR C 65 -1.61 -22.09 5.98
N ARG C 66 -0.32 -22.13 6.31
CA ARG C 66 0.19 -22.86 7.47
C ARG C 66 0.61 -21.91 8.59
N ARG C 67 1.49 -20.97 8.30
CA ARG C 67 2.04 -20.06 9.28
C ARG C 67 1.63 -18.63 8.97
N THR C 68 2.08 -17.71 9.82
CA THR C 68 2.01 -16.28 9.55
C THR C 68 3.13 -15.63 10.33
N LEU C 69 4.04 -14.97 9.63
CA LEU C 69 5.29 -14.49 10.21
C LEU C 69 5.16 -12.98 10.46
N ARG C 70 4.63 -12.64 11.64
CA ARG C 70 4.41 -11.25 12.00
C ARG C 70 5.57 -10.72 12.82
N GLY C 71 5.83 -9.42 12.67
CA GLY C 71 6.96 -8.79 13.33
C GLY C 71 7.58 -7.71 12.48
N HIS C 72 7.18 -7.64 11.21
CA HIS C 72 7.58 -6.57 10.34
C HIS C 72 6.63 -5.38 10.51
N LEU C 73 7.17 -4.18 10.37
CA LEU C 73 6.36 -2.96 10.42
C LEU C 73 5.99 -2.47 9.02
N ALA C 74 6.99 -2.16 8.21
CA ALA C 74 6.77 -1.66 6.85
C ALA C 74 6.51 -2.82 5.90
N LYS C 75 6.54 -2.54 4.60
CA LYS C 75 6.24 -3.55 3.60
C LYS C 75 7.48 -4.38 3.29
N ILE C 76 7.27 -5.68 3.06
CA ILE C 76 8.34 -6.63 2.81
C ILE C 76 8.65 -6.65 1.32
N TYR C 77 9.93 -6.55 0.97
CA TYR C 77 10.30 -6.57 -0.45
C TYR C 77 10.90 -7.89 -0.91
N ALA C 78 11.53 -8.67 -0.03
CA ALA C 78 12.24 -9.84 -0.52
C ALA C 78 12.28 -10.92 0.54
N MET C 79 12.54 -12.14 0.08
CA MET C 79 12.66 -13.32 0.92
C MET C 79 13.40 -14.42 0.17
N HIS C 80 14.31 -15.12 0.85
CA HIS C 80 15.09 -16.17 0.21
C HIS C 80 15.13 -17.38 1.13
N TRP C 81 14.49 -18.47 0.72
CA TRP C 81 14.58 -19.73 1.45
C TRP C 81 16.03 -20.17 1.61
N GLY C 82 16.33 -20.80 2.74
CA GLY C 82 17.64 -21.36 2.95
C GLY C 82 17.79 -22.74 2.33
N THR C 83 19.05 -23.15 2.14
CA THR C 83 19.32 -24.44 1.54
C THR C 83 18.81 -25.59 2.42
N ASP C 84 18.75 -25.38 3.73
CA ASP C 84 18.16 -26.35 4.63
C ASP C 84 16.63 -26.39 4.55
N SER C 85 16.03 -25.54 3.71
CA SER C 85 14.59 -25.48 3.48
C SER C 85 13.78 -25.22 4.75
N ARG C 86 14.44 -24.70 5.80
CA ARG C 86 13.79 -24.37 7.06
C ARG C 86 13.89 -22.89 7.38
N LEU C 87 15.06 -22.30 7.25
CA LEU C 87 15.23 -20.89 7.56
C LEU C 87 14.67 -20.01 6.46
N LEU C 88 14.36 -18.76 6.82
CA LEU C 88 13.98 -17.72 5.89
C LEU C 88 14.71 -16.44 6.25
N VAL C 89 14.79 -15.53 5.30
CA VAL C 89 15.26 -14.17 5.54
C VAL C 89 14.21 -13.25 4.94
N SER C 90 14.08 -12.06 5.52
CA SER C 90 13.14 -11.10 4.97
C SER C 90 13.63 -9.68 5.19
N ALA C 91 13.59 -8.88 4.12
CA ALA C 91 13.95 -7.47 4.18
C ALA C 91 12.66 -6.66 4.11
N SER C 92 12.46 -5.78 5.10
CA SER C 92 11.32 -4.88 5.09
C SER C 92 11.80 -3.44 4.97
N GLN C 93 10.87 -2.57 4.64
CA GLN C 93 11.18 -1.16 4.41
C GLN C 93 11.28 -0.35 5.71
N ASP C 94 11.27 -1.01 6.87
CA ASP C 94 11.50 -0.33 8.13
C ASP C 94 12.96 -0.38 8.56
N GLY C 95 13.82 -0.96 7.74
CA GLY C 95 15.22 -1.11 8.08
C GLY C 95 15.58 -2.44 8.71
N LYS C 96 14.73 -3.46 8.57
CA LYS C 96 14.89 -4.71 9.28
C LYS C 96 15.16 -5.85 8.32
N LEU C 97 16.24 -6.58 8.59
CA LEU C 97 16.48 -7.91 8.02
C LEU C 97 16.20 -8.94 9.10
N ILE C 98 15.08 -9.65 8.97
CA ILE C 98 14.62 -10.56 10.01
C ILE C 98 14.80 -11.98 9.52
N ILE C 99 15.53 -12.78 10.30
CA ILE C 99 15.91 -14.14 9.90
C ILE C 99 14.98 -15.10 10.63
N TRP C 100 13.98 -15.59 9.91
CA TRP C 100 12.93 -16.42 10.47
C TRP C 100 13.30 -17.89 10.48
N ASP C 101 12.61 -18.65 11.33
CA ASP C 101 12.62 -20.11 11.30
C ASP C 101 11.21 -20.53 10.94
N SER C 102 11.01 -20.99 9.70
CA SER C 102 9.68 -21.25 9.18
C SER C 102 8.98 -22.40 9.88
N TYR C 103 9.66 -23.15 10.75
CA TYR C 103 9.04 -24.28 11.44
C TYR C 103 8.42 -23.87 12.77
N THR C 104 9.23 -23.32 13.67
CA THR C 104 8.76 -22.96 15.00
C THR C 104 8.31 -21.51 15.07
N THR C 105 8.41 -20.77 13.97
CA THR C 105 7.96 -19.38 13.87
C THR C 105 8.73 -18.48 14.84
N ASN C 106 10.04 -18.67 14.89
CA ASN C 106 10.93 -17.88 15.75
C ASN C 106 11.85 -17.03 14.91
N LYS C 107 11.95 -15.75 15.25
CA LYS C 107 12.98 -14.90 14.69
C LYS C 107 14.33 -15.28 15.28
N VAL C 108 15.33 -15.45 14.42
CA VAL C 108 16.67 -15.81 14.84
C VAL C 108 17.55 -14.59 14.99
N HIS C 109 17.45 -13.64 14.05
CA HIS C 109 18.15 -12.38 14.17
C HIS C 109 17.27 -11.27 13.62
N ALA C 110 17.56 -10.04 14.05
CA ALA C 110 16.93 -8.83 13.55
C ALA C 110 18.06 -7.83 13.27
N ILE C 111 18.62 -7.90 12.07
CA ILE C 111 19.69 -7.02 11.65
C ILE C 111 19.10 -5.64 11.38
N PRO C 112 19.57 -4.60 12.07
CA PRO C 112 19.15 -3.23 11.74
C PRO C 112 19.97 -2.70 10.58
N LEU C 113 19.29 -2.40 9.48
CA LEU C 113 19.96 -1.95 8.27
C LEU C 113 20.29 -0.47 8.39
N ARG C 114 21.48 -0.10 7.91
CA ARG C 114 21.91 1.30 8.03
C ARG C 114 21.02 2.22 7.20
N SER C 115 20.45 1.73 6.11
CA SER C 115 19.54 2.49 5.27
C SER C 115 18.22 1.74 5.17
N SER C 116 17.12 2.42 5.50
CA SER C 116 15.82 1.76 5.55
C SER C 116 15.31 1.36 4.18
N TRP C 117 15.85 1.94 3.11
CA TRP C 117 15.33 1.74 1.76
C TRP C 117 16.15 0.63 1.08
N VAL C 118 15.65 -0.60 1.21
CA VAL C 118 16.25 -1.78 0.59
C VAL C 118 15.16 -2.55 -0.15
N MET C 119 15.49 -3.10 -1.31
CA MET C 119 14.52 -3.77 -2.16
C MET C 119 14.81 -5.25 -2.38
N THR C 120 15.92 -5.77 -1.88
CA THR C 120 16.21 -7.18 -2.09
C THR C 120 17.06 -7.71 -0.95
N CYS C 121 16.89 -9.01 -0.68
CA CYS C 121 17.70 -9.75 0.27
C CYS C 121 18.15 -11.03 -0.41
N ALA C 122 19.11 -11.72 0.20
CA ALA C 122 19.61 -12.97 -0.34
C ALA C 122 20.26 -13.77 0.77
N TYR C 123 19.91 -15.04 0.87
CA TYR C 123 20.48 -15.97 1.85
C TYR C 123 21.46 -16.86 1.13
N ALA C 124 22.73 -16.82 1.56
CA ALA C 124 23.78 -17.60 0.93
C ALA C 124 23.48 -19.10 1.03
N PRO C 125 23.91 -19.89 0.06
CA PRO C 125 23.59 -21.34 0.11
C PRO C 125 24.34 -22.07 1.21
N SER C 126 25.45 -21.54 1.69
CA SER C 126 26.17 -22.12 2.82
C SER C 126 25.67 -21.59 4.15
N GLY C 127 24.68 -20.69 4.15
CA GLY C 127 24.12 -20.16 5.37
C GLY C 127 25.05 -19.29 6.19
N ASN C 128 26.21 -18.93 5.63
CA ASN C 128 27.18 -18.14 6.38
C ASN C 128 26.97 -16.64 6.26
N TYR C 129 26.30 -16.17 5.20
CA TYR C 129 26.17 -14.74 4.97
C TYR C 129 24.75 -14.41 4.52
N VAL C 130 24.38 -13.14 4.68
CA VAL C 130 23.10 -12.63 4.18
C VAL C 130 23.35 -11.29 3.51
N ALA C 131 22.90 -11.16 2.27
CA ALA C 131 23.11 -9.94 1.49
C ALA C 131 21.81 -9.19 1.33
N CYS C 132 21.89 -7.87 1.46
CA CYS C 132 20.77 -6.96 1.22
C CYS C 132 21.25 -5.85 0.28
N GLY C 133 20.29 -5.14 -0.30
CA GLY C 133 20.63 -4.07 -1.22
C GLY C 133 19.44 -3.21 -1.59
N GLY C 134 19.68 -1.95 -1.94
CA GLY C 134 18.60 -1.05 -2.27
C GLY C 134 19.02 0.26 -2.90
N LEU C 135 18.24 1.31 -2.66
CA LEU C 135 18.43 2.60 -3.32
C LEU C 135 19.79 3.24 -3.02
N ASP C 136 20.57 2.69 -2.09
CA ASP C 136 21.87 3.23 -1.76
C ASP C 136 22.95 2.87 -2.78
N ASN C 137 22.62 2.08 -3.80
CA ASN C 137 23.55 1.65 -4.84
C ASN C 137 24.69 0.83 -4.23
N ILE C 138 24.42 0.12 -3.13
CA ILE C 138 25.44 -0.60 -2.38
C ILE C 138 24.85 -1.92 -1.92
N CYS C 139 25.59 -3.01 -2.14
CA CYS C 139 25.19 -4.33 -1.68
C CYS C 139 25.90 -4.60 -0.36
N SER C 140 25.12 -4.72 0.71
CA SER C 140 25.66 -5.01 2.02
C SER C 140 25.60 -6.52 2.27
N ILE C 141 26.61 -7.04 2.94
CA ILE C 141 26.73 -8.47 3.22
C ILE C 141 27.10 -8.63 4.67
N TYR C 142 26.22 -9.26 5.46
CA TYR C 142 26.38 -9.47 6.88
C TYR C 142 26.77 -10.91 7.17
N ASN C 143 27.69 -11.07 8.12
CA ASN C 143 28.27 -12.36 8.47
C ASN C 143 27.43 -12.99 9.58
N LEU C 144 26.65 -14.02 9.23
CA LEU C 144 25.82 -14.69 10.22
C LEU C 144 26.66 -15.37 11.29
N LYS C 145 27.75 -16.03 10.89
CA LYS C 145 28.58 -16.80 11.81
C LYS C 145 29.58 -15.84 12.44
N THR C 146 29.28 -15.38 13.65
CA THR C 146 30.07 -14.39 14.34
C THR C 146 30.40 -14.87 15.75
N ARG C 147 31.34 -14.18 16.38
CA ARG C 147 31.81 -14.58 17.72
C ARG C 147 30.93 -14.03 18.83
N GLU C 148 30.13 -12.99 18.56
CA GLU C 148 29.36 -12.32 19.61
C GLU C 148 27.87 -12.59 19.55
N GLY C 149 27.34 -13.03 18.41
CA GLY C 149 25.92 -13.20 18.25
C GLY C 149 25.18 -11.96 17.78
N ASN C 150 25.80 -10.79 17.88
CA ASN C 150 25.26 -9.56 17.31
C ASN C 150 25.88 -9.38 15.93
N VAL C 151 25.18 -9.84 14.90
CA VAL C 151 25.73 -9.95 13.56
C VAL C 151 25.93 -8.54 12.99
N ARG C 152 27.18 -8.17 12.75
CA ARG C 152 27.53 -6.89 12.16
C ARG C 152 27.78 -7.06 10.66
N VAL C 153 27.93 -5.93 9.98
CA VAL C 153 28.17 -5.95 8.55
C VAL C 153 29.57 -6.49 8.27
N SER C 154 29.69 -7.27 7.20
CA SER C 154 30.98 -7.82 6.78
C SER C 154 31.56 -7.03 5.60
N ARG C 155 30.81 -6.93 4.50
CA ARG C 155 31.34 -6.29 3.29
C ARG C 155 30.28 -5.41 2.64
N GLU C 156 30.64 -4.17 2.33
CA GLU C 156 29.77 -3.26 1.58
C GLU C 156 30.36 -3.08 0.18
N LEU C 157 29.76 -3.76 -0.79
CA LEU C 157 30.17 -3.66 -2.19
C LEU C 157 29.55 -2.40 -2.79
N ALA C 158 30.40 -1.45 -3.16
CA ALA C 158 29.98 -0.17 -3.72
C ALA C 158 30.64 0.04 -5.07
N GLY C 159 30.00 0.87 -5.89
CA GLY C 159 30.48 1.13 -7.23
C GLY C 159 29.35 1.26 -8.23
N HIS C 160 28.21 0.65 -7.93
CA HIS C 160 27.03 0.82 -8.75
C HIS C 160 26.54 2.26 -8.72
N THR C 161 25.98 2.71 -9.83
CA THR C 161 25.39 4.03 -9.94
C THR C 161 23.87 3.99 -10.03
N GLY C 162 23.26 2.80 -9.96
CA GLY C 162 21.83 2.68 -9.91
C GLY C 162 21.42 1.71 -8.80
N TYR C 163 20.15 1.84 -8.40
CA TYR C 163 19.62 1.04 -7.30
C TYR C 163 19.74 -0.44 -7.62
N LEU C 164 19.75 -1.26 -6.57
CA LEU C 164 19.93 -2.70 -6.69
C LEU C 164 18.57 -3.36 -6.56
N SER C 165 18.17 -4.09 -7.61
CA SER C 165 16.86 -4.72 -7.63
C SER C 165 16.90 -6.21 -7.35
N CYS C 166 17.96 -6.90 -7.76
CA CYS C 166 18.11 -8.33 -7.50
C CYS C 166 19.56 -8.64 -7.21
N CYS C 167 19.78 -9.68 -6.41
CA CYS C 167 21.12 -10.16 -6.11
C CYS C 167 21.03 -11.62 -5.68
N ARG C 168 22.03 -12.40 -6.08
CA ARG C 168 22.04 -13.83 -5.81
C ARG C 168 23.45 -14.28 -5.45
N PHE C 169 23.54 -15.29 -4.58
CA PHE C 169 24.82 -15.87 -4.20
C PHE C 169 25.19 -17.05 -5.09
N LEU C 170 26.44 -17.06 -5.53
CA LEU C 170 27.04 -18.23 -6.14
C LEU C 170 27.72 -19.11 -5.09
N ASP C 171 28.57 -18.49 -4.28
CA ASP C 171 29.20 -19.14 -3.13
C ASP C 171 29.42 -18.06 -2.07
N ASP C 172 30.29 -18.34 -1.11
CA ASP C 172 30.60 -17.36 -0.07
C ASP C 172 31.57 -16.28 -0.55
N ASN C 173 31.99 -16.31 -1.82
CA ASN C 173 32.97 -15.33 -2.29
C ASN C 173 32.66 -14.79 -3.68
N GLN C 174 31.52 -15.15 -4.27
CA GLN C 174 31.13 -14.60 -5.57
C GLN C 174 29.64 -14.32 -5.55
N ILE C 175 29.26 -13.06 -5.71
CA ILE C 175 27.86 -12.65 -5.66
C ILE C 175 27.51 -11.93 -6.95
N VAL C 176 26.36 -12.28 -7.53
CA VAL C 176 25.86 -11.66 -8.74
C VAL C 176 24.77 -10.68 -8.36
N THR C 177 24.95 -9.42 -8.75
CA THR C 177 24.01 -8.35 -8.41
C THR C 177 23.44 -7.73 -9.68
N SER C 178 22.18 -7.29 -9.56
CA SER C 178 21.48 -6.59 -10.63
C SER C 178 21.17 -5.18 -10.16
N SER C 179 21.66 -4.18 -10.89
CA SER C 179 21.55 -2.80 -10.50
C SER C 179 20.66 -2.02 -11.46
N GLY C 180 20.32 -0.80 -11.07
CA GLY C 180 19.47 0.07 -11.85
C GLY C 180 20.19 0.91 -12.87
N ASP C 181 21.53 0.89 -12.88
CA ASP C 181 22.31 1.57 -13.91
C ASP C 181 22.51 0.70 -15.15
N THR C 182 21.65 -0.30 -15.35
CA THR C 182 21.51 -1.15 -16.53
C THR C 182 22.60 -2.21 -16.65
N THR C 183 23.56 -2.28 -15.73
CA THR C 183 24.67 -3.22 -15.82
C THR C 183 24.61 -4.21 -14.66
N CYS C 184 24.67 -5.51 -14.98
CA CYS C 184 24.80 -6.51 -13.95
C CYS C 184 26.26 -6.65 -13.55
N ALA C 185 26.50 -7.25 -12.38
CA ALA C 185 27.86 -7.34 -11.88
C ALA C 185 28.09 -8.65 -11.15
N LEU C 186 29.34 -9.12 -11.20
CA LEU C 186 29.80 -10.26 -10.43
C LEU C 186 30.95 -9.79 -9.55
N TRP C 187 30.76 -9.87 -8.24
CA TRP C 187 31.66 -9.34 -7.23
C TRP C 187 32.35 -10.47 -6.49
N ASP C 188 33.63 -10.27 -6.18
CA ASP C 188 34.36 -11.11 -5.24
C ASP C 188 34.28 -10.46 -3.87
N ILE C 189 33.67 -11.18 -2.91
CA ILE C 189 33.28 -10.55 -1.65
C ILE C 189 34.50 -10.21 -0.80
N GLU C 190 35.51 -11.07 -0.79
CA GLU C 190 36.61 -10.92 0.17
C GLU C 190 37.44 -9.67 -0.11
N THR C 191 37.55 -9.25 -1.37
CA THR C 191 38.34 -8.07 -1.70
C THR C 191 37.50 -6.84 -2.00
N GLY C 192 36.19 -7.01 -2.22
CA GLY C 192 35.30 -5.90 -2.44
C GLY C 192 35.21 -5.41 -3.87
N GLN C 193 36.17 -5.75 -4.72
CA GLN C 193 36.20 -5.25 -6.09
C GLN C 193 35.37 -6.14 -7.01
N GLN C 194 34.74 -5.50 -8.00
CA GLN C 194 33.89 -6.20 -8.95
C GLN C 194 34.75 -6.87 -10.01
N THR C 195 34.66 -8.20 -10.10
CA THR C 195 35.49 -8.95 -11.04
C THR C 195 34.89 -9.02 -12.44
N THR C 196 33.57 -8.93 -12.58
CA THR C 196 32.99 -9.05 -13.91
C THR C 196 31.83 -8.09 -14.06
N THR C 197 31.71 -7.48 -15.24
CA THR C 197 30.56 -6.66 -15.59
C THR C 197 29.68 -7.40 -16.58
N PHE C 198 28.46 -6.89 -16.77
CA PHE C 198 27.52 -7.47 -17.72
C PHE C 198 26.72 -6.32 -18.32
N THR C 199 27.15 -5.86 -19.48
CA THR C 199 26.53 -4.75 -20.19
C THR C 199 25.83 -5.27 -21.44
N GLY C 200 24.81 -4.54 -21.89
CA GLY C 200 24.06 -4.92 -23.06
C GLY C 200 22.59 -4.57 -22.95
N HIS C 201 22.09 -4.43 -21.72
CA HIS C 201 20.70 -4.06 -21.52
C HIS C 201 20.54 -2.55 -21.62
N THR C 202 19.46 -2.12 -22.28
CA THR C 202 19.20 -0.70 -22.46
C THR C 202 18.52 -0.09 -21.25
N GLY C 203 17.39 -0.65 -20.83
CA GLY C 203 16.79 -0.29 -19.58
C GLY C 203 17.47 -0.97 -18.41
N ASP C 204 17.06 -0.59 -17.20
CA ASP C 204 17.63 -1.21 -16.02
C ASP C 204 17.11 -2.63 -15.84
N VAL C 205 17.83 -3.42 -15.06
CA VAL C 205 17.59 -4.85 -14.94
C VAL C 205 16.86 -5.12 -13.63
N MET C 206 15.71 -5.77 -13.71
CA MET C 206 14.90 -5.99 -12.52
C MET C 206 15.36 -7.21 -11.73
N SER C 207 15.33 -8.39 -12.33
CA SER C 207 15.49 -9.63 -11.59
C SER C 207 16.52 -10.54 -12.21
N LEU C 208 17.28 -11.22 -11.35
CA LEU C 208 18.25 -12.24 -11.70
C LEU C 208 17.78 -13.60 -11.23
N SER C 209 18.34 -14.63 -11.85
CA SER C 209 18.14 -16.01 -11.39
C SER C 209 19.33 -16.81 -11.91
N LEU C 210 20.14 -17.33 -10.99
CA LEU C 210 21.26 -18.16 -11.41
C LEU C 210 20.77 -19.50 -11.93
N ALA C 211 21.52 -20.05 -12.88
CA ALA C 211 21.19 -21.36 -13.42
C ALA C 211 21.38 -22.43 -12.34
N PRO C 212 20.65 -23.54 -12.42
CA PRO C 212 20.80 -24.60 -11.40
C PRO C 212 22.21 -25.15 -11.30
N ASP C 213 23.04 -25.01 -12.32
CA ASP C 213 24.44 -25.42 -12.28
C ASP C 213 25.39 -24.27 -12.03
N THR C 214 24.87 -23.05 -11.90
CA THR C 214 25.65 -21.84 -11.58
C THR C 214 26.79 -21.63 -12.57
N ARG C 215 26.57 -21.99 -13.83
CA ARG C 215 27.49 -21.67 -14.91
C ARG C 215 26.94 -20.63 -15.88
N LEU C 216 25.62 -20.52 -15.98
CA LEU C 216 24.96 -19.46 -16.72
C LEU C 216 24.06 -18.67 -15.76
N PHE C 217 23.49 -17.59 -16.27
CA PHE C 217 22.37 -16.94 -15.58
C PHE C 217 21.58 -16.15 -16.62
N VAL C 218 20.49 -15.55 -16.17
CA VAL C 218 19.58 -14.82 -17.04
C VAL C 218 19.05 -13.61 -16.28
N SER C 219 18.81 -12.53 -17.01
CA SER C 219 18.40 -11.26 -16.41
C SER C 219 17.37 -10.57 -17.28
N GLY C 220 16.21 -10.26 -16.70
CA GLY C 220 15.19 -9.50 -17.40
C GLY C 220 15.29 -8.02 -17.07
N ALA C 221 15.00 -7.18 -18.06
CA ALA C 221 15.11 -5.75 -17.89
C ALA C 221 13.77 -5.09 -18.20
N CYS C 222 13.74 -3.76 -18.15
CA CYS C 222 12.51 -3.03 -18.46
C CYS C 222 12.45 -2.67 -19.94
N ASP C 223 12.73 -3.67 -20.78
CA ASP C 223 12.65 -3.53 -22.23
C ASP C 223 11.84 -4.66 -22.84
N ALA C 224 11.07 -5.39 -22.02
CA ALA C 224 10.38 -6.61 -22.41
C ALA C 224 11.33 -7.71 -22.85
N SER C 225 12.59 -7.64 -22.42
CA SER C 225 13.61 -8.57 -22.87
C SER C 225 14.33 -9.18 -21.66
N ALA C 226 14.89 -10.36 -21.90
CA ALA C 226 15.80 -11.03 -20.99
C ALA C 226 17.08 -11.37 -21.73
N LYS C 227 18.16 -11.55 -20.98
CA LYS C 227 19.46 -11.85 -21.56
C LYS C 227 20.07 -13.02 -20.80
N LEU C 228 20.49 -14.03 -21.56
CA LEU C 228 21.20 -15.20 -21.03
C LEU C 228 22.69 -14.94 -21.13
N TRP C 229 23.35 -14.80 -19.97
CA TRP C 229 24.77 -14.54 -19.87
C TRP C 229 25.50 -15.77 -19.35
N ASP C 230 26.78 -15.87 -19.73
CA ASP C 230 27.68 -16.88 -19.19
C ASP C 230 28.64 -16.21 -18.22
N VAL C 231 28.58 -16.60 -16.95
CA VAL C 231 29.38 -15.94 -15.92
C VAL C 231 30.87 -16.18 -16.12
N ARG C 232 31.22 -17.31 -16.73
CA ARG C 232 32.63 -17.66 -16.93
C ARG C 232 33.29 -16.85 -18.04
N GLU C 233 32.56 -16.01 -18.75
CA GLU C 233 33.10 -15.12 -19.76
C GLU C 233 32.81 -13.64 -19.49
N GLY C 234 31.62 -13.33 -18.97
CA GLY C 234 31.17 -11.95 -18.93
C GLY C 234 30.56 -11.49 -20.22
N MET C 235 29.95 -12.40 -20.97
CA MET C 235 29.54 -12.18 -22.35
C MET C 235 28.11 -12.62 -22.54
N CYS C 236 27.34 -11.83 -23.29
CA CYS C 236 25.92 -12.10 -23.51
C CYS C 236 25.78 -13.23 -24.51
N ARG C 237 25.47 -14.43 -24.00
CA ARG C 237 25.22 -15.57 -24.89
C ARG C 237 24.00 -15.32 -25.77
N GLN C 238 22.83 -15.19 -25.16
CA GLN C 238 21.58 -15.10 -25.92
C GLN C 238 20.73 -13.95 -25.41
N THR C 239 19.72 -13.59 -26.21
CA THR C 239 18.81 -12.50 -25.89
C THR C 239 17.41 -12.90 -26.31
N PHE C 240 16.49 -12.96 -25.35
CA PHE C 240 15.13 -13.42 -25.57
C PHE C 240 14.16 -12.25 -25.46
N THR C 241 13.30 -12.09 -26.47
CA THR C 241 12.28 -11.05 -26.46
C THR C 241 10.93 -11.72 -26.74
N GLY C 242 9.86 -10.98 -26.51
CA GLY C 242 8.52 -11.54 -26.70
C GLY C 242 7.49 -10.99 -25.73
N HIS C 243 7.93 -10.40 -24.62
CA HIS C 243 7.01 -9.67 -23.77
C HIS C 243 6.69 -8.31 -24.38
N GLU C 244 5.75 -7.59 -23.76
CA GLU C 244 5.34 -6.29 -24.25
C GLU C 244 5.58 -5.16 -23.26
N SER C 245 5.86 -5.46 -21.99
CA SER C 245 6.11 -4.43 -20.99
C SER C 245 7.30 -4.88 -20.15
N ASP C 246 7.58 -4.13 -19.08
CA ASP C 246 8.69 -4.42 -18.20
C ASP C 246 8.60 -5.84 -17.64
N ILE C 247 9.75 -6.52 -17.58
CA ILE C 247 9.83 -7.87 -17.04
C ILE C 247 10.22 -7.76 -15.58
N ASN C 248 9.34 -8.23 -14.68
CA ASN C 248 9.48 -7.98 -13.25
C ASN C 248 10.30 -9.06 -12.55
N ALA C 249 9.90 -10.32 -12.69
CA ALA C 249 10.55 -11.43 -11.99
C ALA C 249 10.90 -12.54 -12.96
N ILE C 250 11.98 -13.26 -12.64
CA ILE C 250 12.51 -14.30 -13.51
C ILE C 250 12.82 -15.53 -12.66
N CYS C 251 12.68 -16.71 -13.27
CA CYS C 251 12.97 -17.96 -12.57
C CYS C 251 13.26 -19.06 -13.58
N PHE C 252 14.35 -19.79 -13.37
CA PHE C 252 14.68 -20.92 -14.23
C PHE C 252 13.73 -22.10 -14.02
N PHE C 253 13.47 -22.80 -15.10
CA PHE C 253 12.93 -24.14 -15.02
C PHE C 253 13.92 -25.01 -14.25
N PRO C 254 13.46 -25.86 -13.33
CA PRO C 254 14.41 -26.63 -12.48
C PRO C 254 15.44 -27.44 -13.24
N ASN C 255 15.15 -27.83 -14.49
CA ASN C 255 16.14 -28.58 -15.27
C ASN C 255 17.35 -27.71 -15.60
N GLY C 256 17.13 -26.48 -16.04
CA GLY C 256 18.20 -25.57 -16.41
C GLY C 256 18.27 -25.24 -17.88
N ASN C 257 17.37 -25.80 -18.71
CA ASN C 257 17.33 -25.55 -20.14
C ASN C 257 16.03 -24.88 -20.54
N ALA C 258 15.54 -23.98 -19.68
CA ALA C 258 14.35 -23.18 -19.89
C ALA C 258 14.23 -22.24 -18.69
N PHE C 259 13.31 -21.29 -18.80
CA PHE C 259 12.97 -20.45 -17.65
C PHE C 259 11.63 -19.76 -17.91
N ALA C 260 11.20 -18.95 -16.95
CA ALA C 260 9.91 -18.30 -17.02
C ALA C 260 10.05 -16.84 -16.62
N THR C 261 9.22 -15.99 -17.23
CA THR C 261 9.26 -14.55 -16.99
C THR C 261 7.85 -14.04 -16.80
N GLY C 262 7.65 -13.27 -15.74
CA GLY C 262 6.42 -12.51 -15.55
C GLY C 262 6.73 -11.05 -15.84
N SER C 263 5.79 -10.38 -16.51
CA SER C 263 6.02 -9.01 -16.96
C SER C 263 4.81 -8.15 -16.58
N ASP C 264 4.95 -6.86 -16.86
CA ASP C 264 3.91 -5.88 -16.55
C ASP C 264 2.76 -5.89 -17.56
N ASP C 265 2.67 -6.91 -18.41
CA ASP C 265 1.60 -7.03 -19.39
C ASP C 265 0.53 -8.03 -18.95
N ALA C 266 0.60 -8.51 -17.71
CA ALA C 266 -0.38 -9.47 -17.16
C ALA C 266 -0.36 -10.78 -17.93
N THR C 267 0.84 -11.30 -18.20
CA THR C 267 1.00 -12.53 -18.97
C THR C 267 2.37 -13.11 -18.68
N CYS C 268 2.40 -14.35 -18.18
CA CYS C 268 3.66 -15.06 -18.02
C CYS C 268 4.08 -15.69 -19.34
N ARG C 269 5.38 -15.93 -19.48
CA ARG C 269 5.90 -16.56 -20.68
C ARG C 269 7.06 -17.47 -20.31
N LEU C 270 7.02 -18.69 -20.83
CA LEU C 270 8.02 -19.72 -20.58
C LEU C 270 8.93 -19.80 -21.80
N PHE C 271 10.18 -19.40 -21.62
CA PHE C 271 11.20 -19.36 -22.65
C PHE C 271 12.09 -20.60 -22.56
N ASP C 272 12.77 -20.90 -23.66
CA ASP C 272 13.68 -22.03 -23.72
C ASP C 272 15.05 -21.55 -24.21
N LEU C 273 16.10 -22.10 -23.61
CA LEU C 273 17.46 -21.66 -23.89
C LEU C 273 18.03 -22.26 -25.17
N ARG C 274 17.51 -23.41 -25.62
CA ARG C 274 18.06 -24.06 -26.80
C ARG C 274 17.31 -23.69 -28.07
N ALA C 275 15.98 -23.62 -28.01
CA ALA C 275 15.20 -23.21 -29.18
C ALA C 275 15.34 -21.72 -29.47
N ASP C 276 15.80 -20.93 -28.50
CA ASP C 276 15.93 -19.47 -28.64
C ASP C 276 14.61 -18.85 -29.09
N GLN C 277 13.52 -19.27 -28.46
CA GLN C 277 12.19 -18.79 -28.81
C GLN C 277 11.33 -18.71 -27.57
N GLU C 278 10.40 -17.75 -27.57
CA GLU C 278 9.27 -17.82 -26.67
C GLU C 278 8.52 -19.13 -26.92
N LEU C 279 8.42 -19.97 -25.90
CA LEU C 279 7.86 -21.30 -26.06
C LEU C 279 6.41 -21.41 -25.61
N MET C 280 6.05 -20.76 -24.50
CA MET C 280 4.68 -20.83 -24.02
C MET C 280 4.27 -19.50 -23.41
N THR C 281 2.96 -19.25 -23.38
CA THR C 281 2.40 -18.03 -22.84
C THR C 281 1.16 -18.34 -22.01
N TYR C 282 1.15 -17.84 -20.77
CA TYR C 282 0.03 -18.04 -19.84
C TYR C 282 -0.63 -16.69 -19.57
N SER C 283 -1.93 -16.61 -19.84
CA SER C 283 -2.65 -15.36 -19.62
C SER C 283 -4.12 -15.68 -19.37
N HIS C 284 -4.83 -14.69 -18.87
CA HIS C 284 -6.27 -14.79 -18.66
C HIS C 284 -6.88 -13.41 -18.78
N ASP C 285 -8.12 -13.36 -19.26
CA ASP C 285 -8.77 -12.08 -19.53
C ASP C 285 -8.98 -11.28 -18.26
N ASN C 286 -9.39 -11.94 -17.17
CA ASN C 286 -9.67 -11.25 -15.92
C ASN C 286 -8.43 -10.64 -15.28
N ILE C 287 -7.24 -10.93 -15.79
CA ILE C 287 -5.99 -10.43 -15.22
C ILE C 287 -5.57 -9.19 -16.00
N ILE C 288 -5.31 -8.10 -15.28
CA ILE C 288 -4.81 -6.87 -15.89
C ILE C 288 -3.61 -6.30 -15.15
N CYS C 289 -3.22 -6.89 -14.02
CA CYS C 289 -2.17 -6.34 -13.19
C CYS C 289 -0.82 -6.97 -13.54
N GLY C 290 0.24 -6.41 -12.96
CA GLY C 290 1.57 -6.90 -13.17
C GLY C 290 1.78 -8.28 -12.57
N ILE C 291 3.00 -8.79 -12.75
CA ILE C 291 3.39 -10.11 -12.27
C ILE C 291 4.68 -9.90 -11.46
N THR C 292 4.54 -9.67 -10.16
CA THR C 292 5.63 -9.23 -9.31
C THR C 292 6.56 -10.36 -8.87
N SER C 293 6.19 -11.62 -9.10
CA SER C 293 6.98 -12.74 -8.60
C SER C 293 6.59 -14.00 -9.36
N VAL C 294 7.60 -14.78 -9.75
CA VAL C 294 7.42 -16.05 -10.44
C VAL C 294 8.41 -17.04 -9.85
N SER C 295 7.97 -18.29 -9.68
CA SER C 295 8.85 -19.36 -9.24
C SER C 295 8.29 -20.69 -9.73
N PHE C 296 9.08 -21.75 -9.53
CA PHE C 296 8.72 -23.08 -9.97
C PHE C 296 8.62 -24.03 -8.78
N SER C 297 7.98 -25.18 -9.01
CA SER C 297 7.87 -26.22 -8.01
C SER C 297 9.14 -27.08 -8.03
N LYS C 298 9.10 -28.21 -7.33
CA LYS C 298 10.26 -29.11 -7.32
C LYS C 298 10.35 -29.91 -8.62
N SER C 299 9.20 -30.29 -9.19
CA SER C 299 9.18 -31.01 -10.46
C SER C 299 9.20 -30.09 -11.66
N GLY C 300 8.81 -28.82 -11.49
CA GLY C 300 8.73 -27.89 -12.60
C GLY C 300 7.41 -27.90 -13.34
N ARG C 301 6.41 -28.64 -12.85
CA ARG C 301 5.13 -28.69 -13.54
C ARG C 301 4.23 -27.53 -13.16
N LEU C 302 4.38 -27.00 -11.95
CA LEU C 302 3.59 -25.86 -11.50
C LEU C 302 4.38 -24.58 -11.62
N LEU C 303 3.72 -23.52 -12.07
CA LEU C 303 4.32 -22.19 -12.18
C LEU C 303 3.59 -21.25 -11.25
N LEU C 304 4.30 -20.71 -10.27
CA LEU C 304 3.69 -20.02 -9.15
C LEU C 304 3.86 -18.52 -9.33
N ALA C 305 2.79 -17.86 -9.78
CA ALA C 305 2.82 -16.44 -10.11
C ALA C 305 2.19 -15.62 -8.99
N GLY C 306 2.77 -14.46 -8.71
CA GLY C 306 2.19 -13.55 -7.74
C GLY C 306 1.87 -12.21 -8.35
N TYR C 307 0.59 -11.86 -8.43
CA TYR C 307 0.13 -10.70 -9.16
C TYR C 307 -0.05 -9.51 -8.23
N ASP C 308 -0.62 -8.43 -8.77
CA ASP C 308 -0.95 -7.25 -7.99
C ASP C 308 -2.41 -7.21 -7.57
N ASP C 309 -3.22 -8.15 -8.05
CA ASP C 309 -4.62 -8.31 -7.62
C ASP C 309 -4.75 -8.78 -6.18
N PHE C 310 -3.64 -8.88 -5.44
CA PHE C 310 -3.61 -9.27 -4.03
C PHE C 310 -3.92 -10.76 -3.85
N ASN C 311 -3.56 -11.57 -4.84
CA ASN C 311 -3.71 -13.02 -4.76
C ASN C 311 -2.74 -13.65 -5.75
N CYS C 312 -2.28 -14.85 -5.42
CA CYS C 312 -1.37 -15.57 -6.30
C CYS C 312 -2.13 -16.61 -7.11
N ASN C 313 -1.50 -17.07 -8.19
CA ASN C 313 -2.03 -18.16 -9.00
C ASN C 313 -0.97 -19.24 -9.14
N VAL C 314 -1.45 -20.45 -9.44
CA VAL C 314 -0.59 -21.56 -9.81
C VAL C 314 -1.07 -22.09 -11.15
N TRP C 315 -0.14 -22.18 -12.10
CA TRP C 315 -0.40 -22.52 -13.49
C TRP C 315 0.14 -23.91 -13.79
N ASP C 316 -0.53 -24.61 -14.71
CA ASP C 316 -0.03 -25.88 -15.24
C ASP C 316 0.86 -25.53 -16.43
N ALA C 317 2.16 -25.54 -16.20
CA ALA C 317 3.12 -24.98 -17.16
C ALA C 317 3.10 -25.67 -18.51
N LEU C 318 2.53 -26.88 -18.61
CA LEU C 318 2.50 -27.57 -19.89
C LEU C 318 1.20 -27.36 -20.65
N LYS C 319 0.09 -27.08 -19.95
CA LYS C 319 -1.19 -26.88 -20.61
C LYS C 319 -1.78 -25.50 -20.42
N ALA C 320 -1.07 -24.59 -19.74
CA ALA C 320 -1.45 -23.20 -19.58
C ALA C 320 -2.77 -22.99 -18.85
N ASP C 321 -3.32 -24.04 -18.23
CA ASP C 321 -4.54 -23.90 -17.46
C ASP C 321 -4.22 -23.35 -16.07
N ARG C 322 -5.13 -22.53 -15.55
CA ARG C 322 -4.99 -22.02 -14.20
C ARG C 322 -5.24 -23.16 -13.22
N ALA C 323 -4.15 -23.72 -12.68
CA ALA C 323 -4.28 -24.88 -11.80
C ALA C 323 -4.88 -24.51 -10.44
N GLY C 324 -4.81 -23.25 -10.05
CA GLY C 324 -5.48 -22.86 -8.82
C GLY C 324 -5.15 -21.45 -8.41
N VAL C 325 -5.86 -20.99 -7.38
CA VAL C 325 -5.72 -19.65 -6.83
C VAL C 325 -5.31 -19.76 -5.37
N LEU C 326 -4.46 -18.84 -4.94
CA LEU C 326 -3.94 -18.79 -3.57
C LEU C 326 -4.22 -17.40 -3.02
N ALA C 327 -5.29 -17.28 -2.24
CA ALA C 327 -5.67 -16.03 -1.61
C ALA C 327 -5.32 -16.05 -0.13
N GLY C 328 -5.36 -14.88 0.49
CA GLY C 328 -5.01 -14.76 1.89
C GLY C 328 -4.21 -13.51 2.18
N HIS C 329 -3.91 -12.75 1.13
CA HIS C 329 -3.19 -11.48 1.25
C HIS C 329 -4.12 -10.34 0.87
N ASP C 330 -4.03 -9.23 1.62
CA ASP C 330 -4.86 -8.07 1.36
C ASP C 330 -4.13 -6.98 0.57
N ASN C 331 -2.88 -6.69 0.92
CA ASN C 331 -2.09 -5.71 0.19
C ASN C 331 -1.31 -6.42 -0.92
N ARG C 332 -0.45 -5.68 -1.62
CA ARG C 332 0.36 -6.23 -2.70
C ARG C 332 1.24 -7.35 -2.19
N VAL C 333 1.34 -8.42 -2.98
CA VAL C 333 2.27 -9.51 -2.73
C VAL C 333 3.46 -9.32 -3.66
N SER C 334 4.63 -9.04 -3.08
CA SER C 334 5.78 -8.56 -3.84
C SER C 334 6.93 -9.56 -3.91
N CYS C 335 6.84 -10.71 -3.26
CA CYS C 335 7.89 -11.71 -3.41
C CYS C 335 7.34 -13.09 -3.09
N LEU C 336 7.88 -14.09 -3.78
CA LEU C 336 7.44 -15.47 -3.64
C LEU C 336 8.68 -16.35 -3.46
N GLY C 337 8.48 -17.53 -2.90
CA GLY C 337 9.58 -18.46 -2.72
C GLY C 337 9.14 -19.90 -2.52
N VAL C 338 9.83 -20.83 -3.15
CA VAL C 338 9.56 -22.25 -3.05
C VAL C 338 10.81 -22.93 -2.50
N THR C 339 10.63 -23.81 -1.51
CA THR C 339 11.74 -24.46 -0.84
C THR C 339 12.57 -25.28 -1.82
N ASP C 340 13.82 -25.53 -1.44
CA ASP C 340 14.74 -26.30 -2.27
C ASP C 340 14.38 -27.78 -2.35
N ASP C 341 13.30 -28.20 -1.69
CA ASP C 341 12.73 -29.52 -1.90
C ASP C 341 11.25 -29.50 -2.25
N GLY C 342 10.61 -28.34 -2.17
CA GLY C 342 9.23 -28.20 -2.63
C GLY C 342 8.19 -28.64 -1.61
N MET C 343 8.38 -28.27 -0.34
CA MET C 343 7.44 -28.62 0.71
C MET C 343 6.64 -27.43 1.22
N ALA C 344 7.00 -26.20 0.86
CA ALA C 344 6.26 -25.03 1.27
C ALA C 344 6.38 -23.97 0.20
N VAL C 345 5.47 -22.99 0.23
CA VAL C 345 5.48 -21.86 -0.69
C VAL C 345 5.30 -20.60 0.14
N ALA C 346 6.41 -19.96 0.50
CA ALA C 346 6.30 -18.74 1.30
C ALA C 346 6.07 -17.55 0.39
N THR C 347 5.25 -16.62 0.88
CA THR C 347 5.02 -15.35 0.20
C THR C 347 5.33 -14.20 1.15
N GLY C 348 5.93 -13.15 0.61
CA GLY C 348 6.11 -11.91 1.34
C GLY C 348 5.38 -10.80 0.61
N SER C 349 4.62 -10.02 1.36
CA SER C 349 3.68 -9.07 0.79
C SER C 349 4.03 -7.66 1.24
N TRP C 350 3.13 -6.72 0.92
CA TRP C 350 3.30 -5.31 1.25
C TRP C 350 2.58 -4.93 2.53
N ASP C 351 2.04 -5.89 3.26
CA ASP C 351 1.32 -5.62 4.50
C ASP C 351 2.05 -6.22 5.71
N SER C 352 3.37 -6.38 5.60
CA SER C 352 4.26 -6.84 6.67
C SER C 352 3.94 -8.25 7.15
N PHE C 353 3.32 -9.07 6.30
CA PHE C 353 2.90 -10.43 6.68
C PHE C 353 3.49 -11.44 5.70
N LEU C 354 4.57 -12.13 6.09
CA LEU C 354 4.91 -13.34 5.37
C LEU C 354 3.88 -14.43 5.69
N LYS C 355 3.74 -15.37 4.76
CA LYS C 355 2.90 -16.52 4.98
C LYS C 355 3.52 -17.72 4.27
N ILE C 356 2.97 -18.90 4.54
CA ILE C 356 3.44 -20.16 3.97
C ILE C 356 2.24 -20.92 3.46
N TRP C 357 2.34 -21.44 2.24
CA TRP C 357 1.30 -22.27 1.65
C TRP C 357 1.76 -23.71 1.59
N ASN C 358 0.82 -24.63 1.80
CA ASN C 358 1.10 -26.06 1.70
C ASN C 358 -0.17 -26.84 1.36
N THR D 6 28.41 13.04 -35.92
CA THR D 6 27.91 11.78 -35.37
C THR D 6 28.91 11.21 -34.35
N ALA D 7 28.51 11.22 -33.08
CA ALA D 7 29.37 10.75 -32.00
C ALA D 7 28.88 9.47 -31.34
N SER D 8 27.57 9.23 -31.30
CA SER D 8 27.04 8.04 -30.65
C SER D 8 27.27 6.77 -31.46
N ILE D 9 27.74 6.88 -32.70
CA ILE D 9 27.97 5.72 -33.55
C ILE D 9 28.90 4.72 -32.87
N ALA D 10 29.76 5.21 -31.96
CA ALA D 10 30.68 4.34 -31.24
C ALA D 10 29.98 3.20 -30.51
N GLN D 11 28.68 3.32 -30.26
CA GLN D 11 27.93 2.18 -29.73
C GLN D 11 27.16 1.42 -30.80
N ALA D 12 26.62 2.14 -31.80
CA ALA D 12 25.70 1.51 -32.74
C ALA D 12 26.36 0.33 -33.46
N ARG D 13 27.55 0.57 -34.01
CA ARG D 13 28.31 -0.50 -34.65
C ARG D 13 28.37 -1.73 -33.76
N LYS D 14 28.72 -1.54 -32.50
CA LYS D 14 28.83 -2.64 -31.54
C LYS D 14 27.60 -3.55 -31.62
N LEU D 15 26.41 -2.94 -31.53
CA LEU D 15 25.16 -3.72 -31.50
C LEU D 15 25.11 -4.69 -32.67
N VAL D 16 25.48 -4.21 -33.87
CA VAL D 16 25.44 -5.04 -35.06
C VAL D 16 26.21 -6.34 -34.83
N GLU D 17 27.48 -6.22 -34.42
CA GLU D 17 28.26 -7.45 -34.20
C GLU D 17 27.59 -8.33 -33.17
N GLN D 18 27.08 -7.73 -32.08
CA GLN D 18 26.39 -8.48 -31.05
C GLN D 18 25.29 -9.34 -31.66
N LEU D 19 24.52 -8.75 -32.59
CA LEU D 19 23.46 -9.50 -33.25
C LEU D 19 24.02 -10.74 -33.94
N LYS D 20 25.03 -10.55 -34.80
CA LYS D 20 25.58 -11.72 -35.46
C LYS D 20 26.25 -12.63 -34.45
N MET D 21 26.78 -12.05 -33.36
CA MET D 21 27.39 -12.86 -32.32
C MET D 21 26.35 -13.70 -31.60
N GLU D 22 25.10 -13.22 -31.54
CA GLU D 22 24.00 -14.02 -31.01
C GLU D 22 23.21 -14.70 -32.12
N ALA D 23 23.68 -14.63 -33.36
CA ALA D 23 22.99 -15.31 -34.45
C ALA D 23 23.54 -16.69 -34.74
N ASN D 24 24.83 -16.91 -34.50
CA ASN D 24 25.49 -18.16 -34.87
C ASN D 24 25.49 -19.14 -33.69
N ILE D 25 24.29 -19.65 -33.40
CA ILE D 25 24.10 -20.72 -32.43
C ILE D 25 23.11 -21.71 -33.00
N ASP D 26 23.38 -23.01 -32.78
CA ASP D 26 22.53 -24.05 -33.35
C ASP D 26 21.22 -24.16 -32.58
N ARG D 27 20.26 -23.32 -32.95
CA ARG D 27 18.93 -23.33 -32.32
C ARG D 27 18.21 -24.62 -32.67
N ILE D 28 18.00 -25.47 -31.67
CA ILE D 28 17.37 -26.78 -31.89
C ILE D 28 15.89 -26.58 -32.19
N LYS D 29 15.24 -27.65 -32.65
CA LYS D 29 13.83 -27.57 -33.01
C LYS D 29 12.94 -27.61 -31.78
N VAL D 30 11.75 -27.04 -31.92
CA VAL D 30 10.82 -26.92 -30.79
C VAL D 30 10.36 -28.29 -30.31
N SER D 31 10.21 -29.24 -31.23
CA SER D 31 9.69 -30.56 -30.86
C SER D 31 10.59 -31.25 -29.84
N LYS D 32 11.90 -31.25 -30.08
CA LYS D 32 12.81 -31.95 -29.18
C LYS D 32 12.89 -31.28 -27.81
N ALA D 33 12.96 -29.95 -27.79
CA ALA D 33 13.04 -29.22 -26.53
C ALA D 33 11.76 -29.40 -25.71
N ALA D 34 10.60 -29.28 -26.35
CA ALA D 34 9.34 -29.49 -25.66
C ALA D 34 9.21 -30.92 -25.16
N ALA D 35 9.67 -31.89 -25.95
CA ALA D 35 9.65 -33.28 -25.50
C ALA D 35 10.54 -33.48 -24.29
N ASP D 36 11.71 -32.83 -24.27
CA ASP D 36 12.60 -32.95 -23.12
C ASP D 36 11.97 -32.35 -21.87
N LEU D 37 11.36 -31.17 -22.01
CA LEU D 37 10.72 -30.53 -20.87
C LEU D 37 9.52 -31.34 -20.37
N MET D 38 8.75 -31.93 -21.28
CA MET D 38 7.63 -32.76 -20.86
C MET D 38 8.10 -34.03 -20.20
N ALA D 39 9.18 -34.63 -20.71
CA ALA D 39 9.73 -35.82 -20.07
C ALA D 39 10.23 -35.51 -18.67
N TYR D 40 10.85 -34.34 -18.49
CA TYR D 40 11.29 -33.95 -17.15
C TYR D 40 10.10 -33.76 -16.22
N CYS D 41 9.10 -32.99 -16.66
CA CYS D 41 7.94 -32.71 -15.83
C CYS D 41 7.11 -33.95 -15.54
N GLU D 42 7.22 -34.98 -16.38
CA GLU D 42 6.49 -36.22 -16.15
C GLU D 42 7.29 -37.21 -15.31
N ALA D 43 8.61 -37.20 -15.42
CA ALA D 43 9.43 -38.12 -14.65
C ALA D 43 9.61 -37.65 -13.20
N HIS D 44 9.75 -36.34 -12.99
CA HIS D 44 9.96 -35.82 -11.65
C HIS D 44 8.67 -35.52 -10.91
N ALA D 45 7.52 -35.91 -11.47
CA ALA D 45 6.24 -35.64 -10.83
C ALA D 45 5.98 -36.57 -9.64
N LYS D 46 6.75 -37.65 -9.50
CA LYS D 46 6.51 -38.62 -8.45
C LYS D 46 7.02 -38.18 -7.08
N GLU D 47 7.71 -37.04 -7.00
CA GLU D 47 8.16 -36.49 -5.72
C GLU D 47 7.91 -34.99 -5.67
N ASP D 48 6.80 -34.55 -6.24
CA ASP D 48 6.39 -33.15 -6.17
C ASP D 48 5.31 -33.01 -5.10
N PRO D 49 5.65 -32.57 -3.89
CA PRO D 49 4.63 -32.45 -2.83
C PRO D 49 3.59 -31.38 -3.07
N LEU D 50 3.69 -30.61 -4.15
CA LEU D 50 2.72 -29.59 -4.47
C LEU D 50 1.79 -29.99 -5.61
N LEU D 51 2.12 -31.07 -6.34
CA LEU D 51 1.25 -31.60 -7.38
C LEU D 51 0.42 -32.78 -6.89
N THR D 52 1.02 -33.70 -6.16
CA THR D 52 0.32 -34.80 -5.49
C THR D 52 0.72 -34.76 -4.02
N PRO D 53 -0.10 -34.15 -3.15
CA PRO D 53 0.34 -33.92 -1.77
C PRO D 53 0.58 -35.21 -1.01
N VAL D 54 1.63 -35.20 -0.20
CA VAL D 54 2.01 -36.35 0.62
C VAL D 54 1.01 -36.50 1.75
N PRO D 55 0.91 -37.68 2.37
CA PRO D 55 0.10 -37.80 3.60
C PRO D 55 0.55 -36.81 4.66
N ALA D 56 -0.40 -36.32 5.44
CA ALA D 56 -0.19 -35.23 6.39
C ALA D 56 0.76 -35.58 7.53
N SER D 57 1.31 -36.80 7.57
CA SER D 57 2.22 -37.17 8.64
C SER D 57 3.58 -36.50 8.47
N GLU D 58 4.25 -36.76 7.35
CA GLU D 58 5.59 -36.26 7.14
C GLU D 58 5.63 -34.75 6.92
N ASN D 59 4.49 -34.12 6.64
CA ASN D 59 4.44 -32.68 6.44
C ASN D 59 4.80 -31.97 7.74
N PRO D 60 5.91 -31.22 7.77
CA PRO D 60 6.38 -30.63 9.02
C PRO D 60 5.67 -29.34 9.39
N PHE D 61 4.50 -29.08 8.79
CA PHE D 61 3.81 -27.81 9.03
C PHE D 61 2.44 -28.04 9.65
N ARG D 62 2.37 -28.94 10.63
CA ARG D 62 1.16 -29.11 11.42
C ARG D 62 1.48 -29.79 12.74
N GLN E 1 9.09 -8.61 -29.85
CA GLN E 1 9.71 -7.29 -29.87
C GLN E 1 8.66 -6.21 -30.02
N VAL E 2 9.09 -4.95 -29.95
CA VAL E 2 8.23 -3.80 -30.19
C VAL E 2 8.88 -2.93 -31.26
N GLN E 3 8.05 -2.39 -32.15
CA GLN E 3 8.54 -1.61 -33.28
C GLN E 3 7.66 -0.38 -33.44
N LEU E 4 8.27 0.79 -33.36
CA LEU E 4 7.58 2.08 -33.49
C LEU E 4 8.29 2.84 -34.62
N GLN E 5 7.72 2.76 -35.83
CA GLN E 5 8.33 3.38 -37.00
C GLN E 5 7.52 4.59 -37.44
N GLU E 6 8.18 5.52 -38.13
CA GLU E 6 7.56 6.77 -38.52
C GLU E 6 7.78 7.04 -40.00
N SER E 7 6.97 7.95 -40.54
CA SER E 7 7.04 8.31 -41.95
C SER E 7 6.31 9.62 -42.22
N GLY E 8 6.96 10.54 -42.94
CA GLY E 8 6.30 11.77 -43.34
C GLY E 8 7.12 13.03 -43.15
N GLY E 9 8.30 12.91 -42.57
CA GLY E 9 9.13 14.06 -42.28
C GLY E 9 9.86 14.57 -43.51
N GLY E 10 10.72 15.57 -43.28
CA GLY E 10 11.48 16.17 -44.35
C GLY E 10 11.72 17.65 -44.18
N LEU E 11 11.35 18.43 -45.20
CA LEU E 11 11.54 19.87 -45.20
C LEU E 11 10.36 20.53 -45.88
N VAL E 12 9.81 21.57 -45.25
CA VAL E 12 8.64 22.27 -45.75
C VAL E 12 8.81 23.76 -45.50
N GLN E 13 8.18 24.57 -46.34
CA GLN E 13 8.27 26.02 -46.22
C GLN E 13 7.53 26.49 -44.97
N PRO E 14 7.88 27.68 -44.44
CA PRO E 14 7.14 28.23 -43.30
C PRO E 14 5.64 28.36 -43.56
N GLY E 15 4.84 27.66 -42.76
CA GLY E 15 3.40 27.65 -42.93
C GLY E 15 2.84 26.39 -43.55
N GLY E 16 3.66 25.36 -43.74
CA GLY E 16 3.19 24.13 -44.34
C GLY E 16 2.25 23.36 -43.43
N SER E 17 1.90 22.15 -43.89
CA SER E 17 0.99 21.28 -43.16
C SER E 17 1.40 19.84 -43.45
N LEU E 18 2.14 19.24 -42.52
CA LEU E 18 2.64 17.88 -42.67
C LEU E 18 1.72 16.89 -41.97
N ARG E 19 2.02 15.61 -42.11
CA ARG E 19 1.29 14.57 -41.40
C ARG E 19 2.25 13.41 -41.18
N LEU E 20 2.71 13.26 -39.95
CA LEU E 20 3.64 12.19 -39.60
C LEU E 20 2.88 10.97 -39.11
N SER E 21 3.06 9.84 -39.80
CA SER E 21 2.42 8.59 -39.44
C SER E 21 3.39 7.73 -38.65
N CYS E 22 2.85 6.92 -37.75
CA CYS E 22 3.62 6.05 -36.88
C CYS E 22 2.95 4.69 -36.82
N ALA E 23 3.66 3.68 -37.29
CA ALA E 23 3.20 2.29 -37.24
C ALA E 23 3.78 1.63 -36.00
N ALA E 24 2.92 0.93 -35.27
CA ALA E 24 3.26 0.34 -33.97
C ALA E 24 2.94 -1.14 -34.03
N SER E 25 3.97 -1.96 -34.21
CA SER E 25 3.78 -3.40 -34.32
C SER E 25 4.52 -4.13 -33.22
N GLY E 26 4.06 -5.34 -32.91
CA GLY E 26 4.68 -6.16 -31.90
C GLY E 26 3.80 -6.36 -30.69
N PHE E 27 3.10 -5.31 -30.28
CA PHE E 27 2.26 -5.32 -29.09
C PHE E 27 0.81 -5.06 -29.47
N THR E 28 -0.03 -4.94 -28.44
CA THR E 28 -1.44 -4.62 -28.62
C THR E 28 -1.62 -3.11 -28.54
N PHE E 29 -2.17 -2.52 -29.60
CA PHE E 29 -2.30 -1.07 -29.67
C PHE E 29 -3.51 -0.57 -28.89
N SER E 30 -4.47 -1.44 -28.59
CA SER E 30 -5.70 -1.09 -27.91
C SER E 30 -5.56 -1.02 -26.40
N ASN E 31 -4.34 -0.98 -25.86
CA ASN E 31 -4.14 -0.99 -24.42
C ASN E 31 -3.15 0.04 -23.91
N TYR E 32 -2.40 0.71 -24.78
CA TYR E 32 -1.31 1.59 -24.36
C TYR E 32 -1.59 3.02 -24.82
N LYS E 33 -1.48 3.96 -23.88
CA LYS E 33 -1.47 5.37 -24.24
C LYS E 33 -0.29 5.67 -25.15
N MET E 34 -0.44 6.67 -26.01
CA MET E 34 0.57 6.93 -27.03
C MET E 34 0.91 8.41 -27.07
N ASN E 35 2.20 8.72 -27.02
CA ASN E 35 2.68 10.09 -26.95
C ASN E 35 3.48 10.45 -28.19
N TRP E 36 3.54 11.73 -28.47
CA TRP E 36 4.42 12.30 -29.49
C TRP E 36 5.33 13.30 -28.82
N VAL E 37 6.64 13.15 -29.01
CA VAL E 37 7.61 14.05 -28.40
C VAL E 37 8.51 14.60 -29.51
N ARG E 38 9.25 15.67 -29.17
CA ARG E 38 10.17 16.26 -30.12
C ARG E 38 11.56 16.41 -29.51
N GLN E 39 12.55 16.48 -30.38
CA GLN E 39 13.94 16.72 -30.02
C GLN E 39 14.48 17.84 -30.90
N ALA E 40 14.86 18.95 -30.29
CA ALA E 40 15.54 20.08 -30.89
C ALA E 40 17.05 19.84 -30.85
N PRO E 41 17.80 20.41 -31.81
CA PRO E 41 19.26 20.20 -31.82
C PRO E 41 19.95 20.67 -30.54
N GLY E 42 19.77 21.93 -30.19
CA GLY E 42 20.44 22.49 -29.03
C GLY E 42 19.65 22.38 -27.74
N LYS E 43 18.65 21.51 -27.71
CA LYS E 43 17.80 21.36 -26.52
C LYS E 43 17.57 19.88 -26.26
N GLY E 44 17.17 19.58 -25.02
CA GLY E 44 16.83 18.24 -24.64
C GLY E 44 15.47 17.82 -25.18
N LEU E 45 15.07 16.60 -24.80
CA LEU E 45 13.79 16.08 -25.26
C LEU E 45 12.64 16.87 -24.65
N GLU E 46 11.62 17.11 -25.46
CA GLU E 46 10.43 17.82 -25.01
C GLU E 46 9.19 17.05 -25.43
N TRP E 47 8.13 17.18 -24.64
CA TRP E 47 6.86 16.54 -24.91
C TRP E 47 5.99 17.43 -25.79
N VAL E 48 5.21 16.81 -26.67
CA VAL E 48 4.43 17.52 -27.68
C VAL E 48 2.94 17.22 -27.54
N SER E 49 2.58 15.94 -27.45
CA SER E 49 1.17 15.59 -27.49
C SER E 49 0.97 14.20 -26.91
N ASP E 50 -0.30 13.88 -26.66
CA ASP E 50 -0.70 12.65 -26.01
C ASP E 50 -2.00 12.16 -26.66
N ILE E 51 -2.30 10.88 -26.45
CA ILE E 51 -3.60 10.34 -26.80
C ILE E 51 -3.81 9.06 -26.00
N SER E 52 -5.06 8.80 -25.64
CA SER E 52 -5.40 7.76 -24.69
C SER E 52 -5.71 6.45 -25.42
N GLN E 53 -6.27 5.48 -24.68
CA GLN E 53 -6.59 4.18 -25.28
C GLN E 53 -7.72 4.30 -26.30
N SER E 54 -8.71 5.15 -26.01
CA SER E 54 -9.82 5.38 -26.93
C SER E 54 -9.70 6.69 -27.68
N GLY E 55 -8.69 7.50 -27.38
CA GLY E 55 -8.50 8.77 -28.03
C GLY E 55 -9.28 9.93 -27.45
N ALA E 56 -10.03 9.71 -26.36
CA ALA E 56 -10.85 10.78 -25.80
C ALA E 56 -10.00 11.83 -25.07
N SER E 57 -8.96 11.41 -24.39
CA SER E 57 -8.16 12.30 -23.55
C SER E 57 -6.97 12.81 -24.36
N ILE E 58 -7.24 13.78 -25.21
CA ILE E 58 -6.21 14.42 -26.01
C ILE E 58 -5.57 15.54 -25.19
N SER E 59 -4.30 15.81 -25.46
CA SER E 59 -3.58 16.88 -24.77
C SER E 59 -2.59 17.51 -25.74
N TYR E 60 -2.09 18.70 -25.37
CA TYR E 60 -1.13 19.41 -26.18
C TYR E 60 -0.26 20.27 -25.28
N THR E 61 0.93 20.61 -25.77
CA THR E 61 1.70 21.66 -25.13
C THR E 61 1.19 23.02 -25.59
N GLY E 62 1.58 24.06 -24.86
CA GLY E 62 1.07 25.39 -25.12
C GLY E 62 1.47 25.96 -26.47
N SER E 63 2.51 25.43 -27.09
CA SER E 63 2.98 25.94 -28.36
C SER E 63 2.31 25.27 -29.56
N VAL E 64 1.44 24.28 -29.34
CA VAL E 64 0.80 23.56 -30.43
C VAL E 64 -0.70 23.46 -30.27
N LYS E 65 -1.28 24.10 -29.25
CA LYS E 65 -2.72 24.04 -29.03
C LYS E 65 -3.48 24.59 -30.23
N GLY E 66 -4.20 23.71 -30.93
CA GLY E 66 -4.91 24.08 -32.13
C GLY E 66 -4.11 23.88 -33.41
N ARG E 67 -2.79 24.05 -33.36
CA ARG E 67 -1.97 23.89 -34.56
C ARG E 67 -1.87 22.43 -34.97
N PHE E 68 -1.31 21.59 -34.09
CA PHE E 68 -1.17 20.18 -34.42
C PHE E 68 -2.49 19.44 -34.13
N THR E 69 -2.46 18.13 -34.35
CA THR E 69 -3.60 17.27 -34.06
C THR E 69 -3.09 15.84 -34.00
N ILE E 70 -3.57 15.08 -33.02
CA ILE E 70 -3.19 13.68 -32.89
C ILE E 70 -4.41 12.82 -33.24
N SER E 71 -4.15 11.63 -33.78
CA SER E 71 -5.21 10.70 -34.13
C SER E 71 -4.62 9.30 -34.14
N ARG E 72 -5.50 8.30 -34.11
CA ARG E 72 -5.04 6.92 -34.09
C ARG E 72 -6.15 6.02 -34.60
N ASP E 73 -5.74 4.83 -35.05
CA ASP E 73 -6.65 3.83 -35.59
C ASP E 73 -6.28 2.47 -35.04
N ASN E 74 -7.31 1.69 -34.71
CA ASN E 74 -7.16 0.36 -34.10
C ASN E 74 -7.23 -0.77 -35.12
N ALA E 75 -7.96 -0.60 -36.22
CA ALA E 75 -7.98 -1.62 -37.25
C ALA E 75 -6.63 -1.73 -37.94
N LYS E 76 -5.89 -0.63 -38.00
CA LYS E 76 -4.57 -0.61 -38.61
C LYS E 76 -3.44 -0.39 -37.62
N ASN E 77 -3.75 -0.08 -36.36
CA ASN E 77 -2.76 0.16 -35.31
C ASN E 77 -1.78 1.26 -35.74
N THR E 78 -2.31 2.46 -35.94
CA THR E 78 -1.51 3.55 -36.48
C THR E 78 -1.77 4.81 -35.68
N LEU E 79 -0.77 5.69 -35.62
CA LEU E 79 -0.83 6.93 -34.85
C LEU E 79 -0.34 8.07 -35.73
N TYR E 80 -1.24 8.99 -36.07
CA TYR E 80 -0.91 10.13 -36.92
C TYR E 80 -0.82 11.41 -36.10
N LEU E 81 0.08 12.30 -36.54
CA LEU E 81 0.14 13.68 -36.07
C LEU E 81 0.02 14.57 -37.30
N GLN E 82 -1.15 15.17 -37.46
CA GLN E 82 -1.42 16.13 -38.53
C GLN E 82 -1.02 17.52 -38.04
N MET E 83 0.02 18.08 -38.63
CA MET E 83 0.60 19.34 -38.20
C MET E 83 0.20 20.43 -39.18
N ASN E 84 -0.55 21.41 -38.69
CA ASN E 84 -1.09 22.49 -39.51
C ASN E 84 -0.50 23.82 -39.10
N SER E 85 -0.26 24.69 -40.09
CA SER E 85 0.23 26.05 -39.87
C SER E 85 1.56 26.04 -39.10
N LEU E 86 2.58 25.50 -39.76
CA LEU E 86 3.88 25.31 -39.13
C LEU E 86 4.61 26.66 -39.00
N LYS E 87 5.83 26.59 -38.48
CA LYS E 87 6.65 27.77 -38.24
C LYS E 87 8.08 27.32 -38.01
N PRO E 88 9.05 28.24 -38.10
CA PRO E 88 10.46 27.87 -37.87
C PRO E 88 10.75 27.25 -36.51
N GLU E 89 9.81 27.32 -35.56
CA GLU E 89 9.99 26.65 -34.28
C GLU E 89 9.89 25.13 -34.41
N ASP E 90 9.30 24.62 -35.48
CA ASP E 90 8.99 23.21 -35.64
C ASP E 90 10.18 22.36 -36.07
N THR E 91 11.36 22.96 -36.26
CA THR E 91 12.53 22.20 -36.72
C THR E 91 12.98 21.28 -35.59
N ALA E 92 12.60 20.01 -35.68
CA ALA E 92 12.89 19.03 -34.64
C ALA E 92 12.65 17.63 -35.19
N VAL E 93 13.20 16.65 -34.49
CA VAL E 93 12.94 15.24 -34.81
C VAL E 93 11.81 14.76 -33.90
N TYR E 94 10.76 14.20 -34.49
CA TYR E 94 9.56 13.81 -33.76
C TYR E 94 9.59 12.30 -33.51
N TYR E 95 9.52 11.92 -32.24
CA TYR E 95 9.48 10.52 -31.82
C TYR E 95 8.08 10.13 -31.39
N CYS E 96 7.75 8.86 -31.63
CA CYS E 96 6.43 8.29 -31.38
C CYS E 96 6.57 7.33 -30.20
N ALA E 97 6.40 7.87 -28.99
CA ALA E 97 6.65 7.12 -27.76
C ALA E 97 5.39 6.40 -27.29
N ARG E 98 5.60 5.38 -26.46
CA ARG E 98 4.51 4.56 -25.96
C ARG E 98 4.53 4.54 -24.43
N CYS E 99 3.35 4.58 -23.84
CA CYS E 99 3.22 4.51 -22.39
C CYS E 99 3.70 3.15 -21.90
N PRO E 100 4.47 3.09 -20.81
CA PRO E 100 5.14 1.82 -20.46
C PRO E 100 4.24 0.77 -19.82
N ALA E 101 2.93 0.95 -19.79
CA ALA E 101 2.08 -0.02 -19.12
C ALA E 101 0.69 -0.03 -19.75
N PRO E 102 0.01 -1.18 -19.72
CA PRO E 102 -1.39 -1.22 -20.17
C PRO E 102 -2.34 -0.71 -19.11
N PHE E 103 -3.42 -0.09 -19.56
CA PHE E 103 -4.53 0.33 -18.71
C PHE E 103 -4.08 1.26 -17.59
N THR E 104 -3.15 2.16 -17.91
CA THR E 104 -2.69 3.15 -16.95
C THR E 104 -2.97 4.55 -17.47
N ARG E 105 -3.11 5.49 -16.53
CA ARG E 105 -3.35 6.89 -16.87
C ARG E 105 -2.07 7.68 -16.98
N ASP E 106 -1.01 7.27 -16.28
CA ASP E 106 0.23 8.01 -16.20
C ASP E 106 1.34 7.26 -16.93
N CYS E 107 2.36 8.00 -17.34
CA CYS E 107 3.47 7.47 -18.12
C CYS E 107 4.72 8.28 -17.80
N PHE E 108 5.88 7.61 -17.91
CA PHE E 108 7.19 8.23 -17.79
C PHE E 108 7.98 7.87 -19.06
N ASP E 109 7.79 8.63 -20.14
CA ASP E 109 8.41 8.30 -21.42
C ASP E 109 8.96 9.53 -22.12
N VAL E 110 9.62 10.41 -21.37
CA VAL E 110 10.28 11.58 -21.97
C VAL E 110 11.73 11.54 -21.49
N THR E 111 12.23 10.34 -21.23
CA THR E 111 13.56 10.19 -20.64
C THR E 111 14.65 10.49 -21.67
N SER E 112 15.62 11.30 -21.26
CA SER E 112 16.76 11.61 -22.13
C SER E 112 17.57 10.35 -22.43
N THR E 113 17.92 9.59 -21.39
CA THR E 113 18.47 8.25 -21.59
C THR E 113 17.47 7.41 -22.36
N THR E 114 17.99 6.43 -23.13
CA THR E 114 17.18 5.65 -24.05
C THR E 114 15.95 5.04 -23.38
N TYR E 115 14.78 5.54 -23.74
CA TYR E 115 13.53 4.92 -23.34
C TYR E 115 13.27 3.70 -24.21
N ALA E 116 12.79 2.62 -23.58
CA ALA E 116 12.66 1.35 -24.29
C ALA E 116 11.69 1.45 -25.45
N TYR E 117 10.44 1.83 -25.17
CA TYR E 117 9.38 1.81 -26.17
C TYR E 117 9.21 3.20 -26.80
N ARG E 118 10.28 3.65 -27.44
CA ARG E 118 10.31 4.91 -28.16
C ARG E 118 10.84 4.66 -29.57
N GLY E 119 10.15 5.23 -30.56
CA GLY E 119 10.54 5.05 -31.94
C GLY E 119 11.86 5.74 -32.26
N GLN E 120 12.29 5.55 -33.51
CA GLN E 120 13.50 6.18 -33.99
C GLN E 120 13.30 7.61 -34.45
N GLY E 121 12.07 8.00 -34.75
CA GLY E 121 11.73 9.37 -35.05
C GLY E 121 11.80 9.70 -36.52
N THR E 122 11.22 10.85 -36.86
CA THR E 122 11.30 11.40 -38.20
C THR E 122 11.56 12.90 -38.09
N GLN E 123 12.55 13.39 -38.84
CA GLN E 123 12.94 14.79 -38.71
C GLN E 123 12.07 15.67 -39.60
N VAL E 124 11.51 16.74 -39.01
CA VAL E 124 10.79 17.76 -39.74
C VAL E 124 11.51 19.08 -39.54
N THR E 125 11.57 19.89 -40.60
CA THR E 125 12.25 21.17 -40.56
C THR E 125 11.43 22.20 -41.31
N VAL E 126 11.63 23.46 -40.94
CA VAL E 126 10.91 24.56 -41.57
C VAL E 126 11.88 25.71 -41.86
N VAL F 43 -48.96 -5.37 22.69
CA VAL F 43 -48.32 -4.14 22.25
C VAL F 43 -47.18 -3.78 23.20
N GLN F 44 -47.55 -3.47 24.45
CA GLN F 44 -46.56 -3.18 25.49
C GLN F 44 -45.52 -4.28 25.59
N ILE F 45 -45.97 -5.50 25.92
CA ILE F 45 -45.06 -6.63 26.05
C ILE F 45 -44.36 -6.93 24.74
N LEU F 46 -45.04 -6.70 23.61
CA LEU F 46 -44.43 -6.94 22.31
C LEU F 46 -43.20 -6.08 22.11
N LEU F 47 -43.29 -4.79 22.42
CA LEU F 47 -42.12 -3.94 22.27
C LEU F 47 -41.09 -4.20 23.37
N TYR F 48 -41.54 -4.54 24.59
CA TYR F 48 -40.60 -4.92 25.64
C TYR F 48 -39.77 -6.13 25.24
N SER F 49 -40.30 -7.00 24.39
CA SER F 49 -39.54 -8.13 23.88
C SER F 49 -38.73 -7.76 22.63
N LEU F 50 -39.26 -6.88 21.79
CA LEU F 50 -38.56 -6.51 20.57
C LEU F 50 -37.31 -5.69 20.85
N ILE F 51 -37.32 -4.87 21.91
CA ILE F 51 -36.11 -4.14 22.25
C ILE F 51 -35.04 -5.09 22.78
N PHE F 52 -35.45 -6.23 23.34
CA PHE F 52 -34.49 -7.28 23.67
C PHE F 52 -33.95 -7.95 22.41
N LEU F 53 -34.85 -8.36 21.51
CA LEU F 53 -34.44 -9.10 20.33
C LEU F 53 -33.52 -8.28 19.42
N LEU F 54 -33.95 -7.05 19.09
CA LEU F 54 -33.27 -6.17 18.14
C LEU F 54 -32.03 -5.55 18.71
N SER F 55 -31.60 -5.99 19.89
CA SER F 55 -30.31 -5.58 20.40
C SER F 55 -29.45 -6.80 20.67
N VAL F 56 -30.06 -7.91 21.13
CA VAL F 56 -29.28 -9.12 21.36
C VAL F 56 -28.78 -9.68 20.04
N LEU F 57 -29.63 -9.72 19.02
CA LEU F 57 -29.20 -10.26 17.73
C LEU F 57 -28.13 -9.37 17.10
N GLY F 58 -28.36 -8.06 17.10
CA GLY F 58 -27.38 -7.15 16.53
C GLY F 58 -26.04 -7.22 17.22
N ASN F 59 -26.03 -7.21 18.55
CA ASN F 59 -24.77 -7.20 19.27
C ASN F 59 -24.06 -8.54 19.19
N THR F 60 -24.81 -9.65 19.11
CA THR F 60 -24.16 -10.93 18.88
C THR F 60 -23.50 -10.98 17.51
N LEU F 61 -24.21 -10.53 16.46
CA LEU F 61 -23.60 -10.48 15.14
C LEU F 61 -22.34 -9.61 15.15
N VAL F 62 -22.41 -8.45 15.79
CA VAL F 62 -21.26 -7.56 15.83
C VAL F 62 -20.10 -8.20 16.57
N ILE F 63 -20.37 -8.80 17.73
CA ILE F 63 -19.29 -9.34 18.54
C ILE F 63 -18.63 -10.52 17.85
N THR F 64 -19.40 -11.35 17.12
CA THR F 64 -18.75 -12.47 16.43
C THR F 64 -17.97 -11.98 15.21
N VAL F 65 -18.51 -10.99 14.49
CA VAL F 65 -17.77 -10.42 13.37
C VAL F 65 -16.47 -9.79 13.83
N LEU F 66 -16.44 -9.25 15.05
CA LEU F 66 -15.25 -8.55 15.52
C LEU F 66 -14.31 -9.41 16.35
N ILE F 67 -14.74 -10.60 16.78
CA ILE F 67 -13.77 -11.53 17.37
C ILE F 67 -13.23 -12.51 16.34
N ARG F 68 -13.94 -12.72 15.22
CA ARG F 68 -13.45 -13.63 14.19
C ARG F 68 -12.31 -12.98 13.40
N ASN F 69 -12.56 -11.79 12.86
CA ASN F 69 -11.55 -11.10 12.08
C ASN F 69 -10.32 -10.77 12.92
N LYS F 70 -9.15 -11.15 12.41
CA LYS F 70 -7.89 -10.75 13.01
C LYS F 70 -7.37 -9.42 12.47
N ARG F 71 -8.14 -8.78 11.59
CA ARG F 71 -7.80 -7.44 11.10
C ARG F 71 -8.26 -6.36 12.06
N MET F 72 -9.36 -6.60 12.78
CA MET F 72 -9.94 -5.61 13.67
C MET F 72 -9.14 -5.38 14.94
N ARG F 73 -8.05 -6.13 15.15
CA ARG F 73 -7.23 -5.89 16.33
C ARG F 73 -6.53 -4.55 16.22
N THR F 74 -7.07 -3.55 16.90
CA THR F 74 -6.59 -2.17 16.82
C THR F 74 -7.30 -1.37 17.90
N VAL F 75 -6.67 -0.26 18.30
CA VAL F 75 -7.20 0.57 19.37
C VAL F 75 -8.55 1.17 19.00
N THR F 76 -8.85 1.33 17.71
CA THR F 76 -10.07 1.96 17.26
C THR F 76 -11.23 0.97 17.13
N ASN F 77 -11.01 -0.30 17.50
CA ASN F 77 -12.10 -1.27 17.52
C ASN F 77 -12.09 -2.15 18.75
N ILE F 78 -11.00 -2.20 19.52
CA ILE F 78 -11.02 -2.91 20.80
C ILE F 78 -11.96 -2.22 21.78
N PHE F 79 -11.99 -0.89 21.75
CA PHE F 79 -12.93 -0.14 22.57
C PHE F 79 -14.37 -0.45 22.19
N LEU F 80 -14.65 -0.48 20.89
CA LEU F 80 -16.00 -0.82 20.45
C LEU F 80 -16.35 -2.28 20.76
N LEU F 81 -15.35 -3.16 20.78
CA LEU F 81 -15.60 -4.54 21.17
C LEU F 81 -15.99 -4.63 22.65
N SER F 82 -15.22 -3.97 23.51
CA SER F 82 -15.58 -3.93 24.93
C SER F 82 -16.95 -3.29 25.12
N LEU F 83 -17.26 -2.26 24.33
CA LEU F 83 -18.58 -1.66 24.37
C LEU F 83 -19.67 -2.66 24.00
N ALA F 84 -19.42 -3.47 22.97
CA ALA F 84 -20.39 -4.49 22.58
C ALA F 84 -20.57 -5.55 23.66
N VAL F 85 -19.48 -5.90 24.34
CA VAL F 85 -19.56 -6.87 25.44
C VAL F 85 -20.43 -6.33 26.56
N SER F 86 -20.14 -5.11 27.02
CA SER F 86 -20.95 -4.48 28.06
C SER F 86 -22.39 -4.31 27.61
N ASP F 87 -22.59 -4.01 26.33
CA ASP F 87 -23.94 -3.79 25.79
C ASP F 87 -24.75 -5.07 25.82
N LEU F 88 -24.13 -6.20 25.43
CA LEU F 88 -24.85 -7.46 25.47
C LEU F 88 -25.11 -7.91 26.90
N MET F 89 -24.15 -7.68 27.80
CA MET F 89 -24.39 -7.97 29.21
C MET F 89 -25.57 -7.16 29.75
N LEU F 90 -25.63 -5.87 29.40
CA LEU F 90 -26.74 -5.02 29.80
C LEU F 90 -28.06 -5.55 29.26
N CYS F 91 -28.16 -5.67 27.92
CA CYS F 91 -29.40 -6.08 27.29
C CYS F 91 -29.69 -7.56 27.46
N LEU F 92 -28.88 -8.28 28.23
CA LEU F 92 -29.26 -9.62 28.66
C LEU F 92 -29.64 -9.68 30.13
N PHE F 93 -29.07 -8.81 30.97
CA PHE F 93 -29.32 -8.85 32.40
C PHE F 93 -30.49 -7.96 32.81
N CYS F 94 -30.40 -6.66 32.52
CA CYS F 94 -31.47 -5.74 32.89
C CYS F 94 -32.47 -5.70 31.75
N MET F 95 -33.54 -6.49 31.91
CA MET F 95 -34.34 -7.13 30.86
C MET F 95 -35.62 -7.67 31.48
N PRO F 96 -36.43 -8.49 30.78
CA PRO F 96 -37.55 -9.15 31.49
C PRO F 96 -37.23 -9.67 32.89
N PHE F 97 -35.95 -9.96 33.20
CA PHE F 97 -35.54 -10.08 34.60
C PHE F 97 -36.00 -8.88 35.42
N ASN F 98 -36.04 -7.69 34.81
CA ASN F 98 -36.63 -6.53 35.46
C ASN F 98 -38.13 -6.43 35.17
N LEU F 99 -38.52 -6.74 33.93
CA LEU F 99 -39.89 -6.46 33.48
C LEU F 99 -40.91 -7.32 34.21
N ILE F 100 -40.77 -8.65 34.13
CA ILE F 100 -41.74 -9.54 34.77
C ILE F 100 -41.94 -9.22 36.24
N PRO F 101 -40.90 -8.88 37.03
CA PRO F 101 -41.15 -8.32 38.36
C PRO F 101 -42.00 -7.06 38.32
N ASN F 102 -41.55 -6.06 37.58
CA ASN F 102 -42.20 -4.75 37.52
C ASN F 102 -43.64 -4.86 37.03
N LEU F 103 -43.99 -6.01 36.46
CA LEU F 103 -45.32 -6.23 35.91
C LEU F 103 -46.21 -7.08 36.80
N LEU F 104 -45.70 -8.20 37.33
CA LEU F 104 -46.51 -9.13 38.10
C LEU F 104 -46.20 -9.11 39.59
N LYS F 105 -45.32 -8.20 40.04
CA LYS F 105 -45.02 -7.92 41.44
C LYS F 105 -44.22 -9.03 42.13
N ASP F 106 -43.92 -10.13 41.44
CA ASP F 106 -43.25 -11.25 42.10
C ASP F 106 -42.13 -11.78 41.21
N PHE F 107 -40.99 -12.08 41.82
CA PHE F 107 -39.90 -12.79 41.17
C PHE F 107 -39.12 -13.53 42.24
N ILE F 108 -38.94 -14.84 42.05
CA ILE F 108 -38.39 -15.71 43.09
C ILE F 108 -36.87 -15.74 42.90
N PHE F 109 -36.19 -14.80 43.55
CA PHE F 109 -34.76 -14.85 43.79
C PHE F 109 -34.51 -15.02 45.27
N GLY F 110 -33.25 -15.00 45.67
CA GLY F 110 -32.91 -15.02 47.07
C GLY F 110 -32.04 -13.83 47.43
N SER F 111 -31.45 -13.86 48.63
CA SER F 111 -30.48 -12.85 49.02
C SER F 111 -29.32 -12.82 48.02
N ALA F 112 -28.62 -13.93 47.88
CA ALA F 112 -27.43 -14.02 47.05
C ALA F 112 -27.74 -14.16 45.55
N VAL F 113 -28.97 -13.90 45.13
CA VAL F 113 -29.34 -14.03 43.72
C VAL F 113 -29.81 -12.67 43.19
N CYS F 114 -30.35 -11.84 44.08
CA CYS F 114 -30.70 -10.48 43.67
C CYS F 114 -29.49 -9.55 43.77
N LYS F 115 -28.63 -9.78 44.77
CA LYS F 115 -27.44 -8.95 44.94
C LYS F 115 -26.55 -9.01 43.71
N THR F 116 -26.24 -10.21 43.23
CA THR F 116 -25.34 -10.35 42.10
C THR F 116 -26.01 -9.90 40.80
N THR F 117 -27.32 -10.09 40.68
CA THR F 117 -28.04 -9.60 39.51
C THR F 117 -27.96 -8.09 39.41
N THR F 118 -28.30 -7.39 40.50
CA THR F 118 -28.20 -5.93 40.52
C THR F 118 -26.76 -5.47 40.35
N TYR F 119 -25.79 -6.20 40.93
CA TYR F 119 -24.39 -5.81 40.79
C TYR F 119 -23.94 -5.88 39.34
N PHE F 120 -24.28 -6.96 38.64
CA PHE F 120 -23.88 -7.07 37.24
C PHE F 120 -24.62 -6.07 36.37
N MET F 121 -25.92 -5.90 36.57
CA MET F 121 -26.66 -4.95 35.76
C MET F 121 -26.37 -3.50 36.14
N GLY F 122 -25.58 -3.27 37.18
CA GLY F 122 -25.11 -1.92 37.48
C GLY F 122 -23.70 -1.68 36.96
N THR F 123 -22.82 -2.65 37.13
CA THR F 123 -21.48 -2.51 36.58
C THR F 123 -21.48 -2.52 35.06
N SER F 124 -22.47 -3.16 34.44
CA SER F 124 -22.63 -3.04 32.98
C SER F 124 -22.87 -1.59 32.58
N VAL F 125 -23.75 -0.90 33.31
CA VAL F 125 -24.04 0.50 33.02
C VAL F 125 -22.80 1.36 33.25
N SER F 126 -22.13 1.17 34.39
CA SER F 126 -20.96 1.97 34.70
C SER F 126 -19.86 1.77 33.65
N VAL F 127 -19.65 0.53 33.22
CA VAL F 127 -18.57 0.28 32.28
C VAL F 127 -18.96 0.72 30.87
N SER F 128 -20.26 0.74 30.53
CA SER F 128 -20.66 1.29 29.25
C SER F 128 -20.44 2.81 29.22
N THR F 129 -20.83 3.50 30.30
CA THR F 129 -20.55 4.92 30.41
C THR F 129 -19.06 5.21 30.27
N PHE F 130 -18.23 4.48 31.01
CA PHE F 130 -16.79 4.73 30.95
C PHE F 130 -16.20 4.33 29.60
N ASN F 131 -16.79 3.34 28.92
CA ASN F 131 -16.32 3.00 27.57
C ASN F 131 -16.63 4.12 26.59
N LEU F 132 -17.80 4.75 26.72
CA LEU F 132 -18.10 5.89 25.86
C LEU F 132 -17.15 7.05 26.15
N VAL F 133 -16.83 7.27 27.42
CA VAL F 133 -15.89 8.34 27.77
C VAL F 133 -14.51 8.04 27.19
N ALA F 134 -14.07 6.78 27.24
CA ALA F 134 -12.78 6.41 26.70
C ALA F 134 -12.74 6.58 25.18
N ILE F 135 -13.80 6.15 24.50
CA ILE F 135 -13.90 6.33 23.06
C ILE F 135 -13.80 7.81 22.70
N SER F 136 -14.51 8.66 23.44
CA SER F 136 -14.46 10.10 23.16
C SER F 136 -13.06 10.66 23.41
N LEU F 137 -12.43 10.27 24.51
CA LEU F 137 -11.09 10.77 24.82
C LEU F 137 -10.04 10.25 23.85
N GLU F 138 -10.28 9.13 23.17
CA GLU F 138 -9.30 8.74 22.16
C GLU F 138 -9.58 9.42 20.82
N ARG F 139 -10.86 9.65 20.49
CA ARG F 139 -11.15 10.40 19.26
C ARG F 139 -10.63 11.82 19.34
N TYR F 140 -10.67 12.42 20.53
CA TYR F 140 -10.07 13.73 20.73
C TYR F 140 -8.60 13.73 20.35
N GLY F 141 -7.84 12.78 20.90
CA GLY F 141 -6.43 12.69 20.58
C GLY F 141 -6.17 12.33 19.13
N ALA F 142 -7.08 11.57 18.52
CA ALA F 142 -6.89 11.17 17.12
C ALA F 142 -7.06 12.35 16.18
N ILE F 143 -8.13 13.11 16.34
CA ILE F 143 -8.48 14.14 15.36
C ILE F 143 -7.98 15.54 15.73
N CYS F 144 -7.70 15.80 17.01
CA CYS F 144 -7.22 17.10 17.45
C CYS F 144 -5.73 17.13 17.76
N LYS F 145 -5.16 16.01 18.21
CA LYS F 145 -3.73 15.87 18.43
C LYS F 145 -3.17 14.79 17.51
N PRO F 146 -3.25 14.98 16.19
CA PRO F 146 -3.05 13.85 15.28
C PRO F 146 -1.61 13.39 15.16
N LEU F 147 -0.64 14.24 15.48
CA LEU F 147 0.76 13.81 15.37
C LEU F 147 1.23 13.13 16.65
N GLN F 148 1.03 13.77 17.80
CA GLN F 148 1.43 13.19 19.08
C GLN F 148 0.42 12.19 19.62
N SER F 149 -0.51 11.71 18.79
CA SER F 149 -1.43 10.67 19.24
C SER F 149 -0.79 9.30 19.14
N ARG F 150 -0.24 8.97 17.97
CA ARG F 150 0.17 7.60 17.68
C ARG F 150 1.44 7.20 18.41
N VAL F 151 2.11 8.12 19.10
CA VAL F 151 3.12 7.73 20.05
C VAL F 151 2.49 7.00 21.24
N TRP F 152 1.21 7.28 21.54
CA TRP F 152 0.51 6.59 22.62
C TRP F 152 -0.82 6.01 22.15
N GLN F 153 -1.01 5.83 20.85
CA GLN F 153 -2.17 5.10 20.32
C GLN F 153 -1.87 3.61 20.16
N THR F 154 -0.97 3.06 20.96
CA THR F 154 -0.66 1.64 20.90
C THR F 154 -1.79 0.82 21.53
N LYS F 155 -1.86 -0.44 21.12
CA LYS F 155 -2.82 -1.36 21.72
C LYS F 155 -2.47 -1.70 23.17
N SER F 156 -1.21 -1.53 23.57
CA SER F 156 -0.84 -1.58 24.97
C SER F 156 -1.66 -0.58 25.78
N HIS F 157 -1.70 0.67 25.31
CA HIS F 157 -2.49 1.69 25.99
C HIS F 157 -3.97 1.39 25.96
N ALA F 158 -4.46 0.80 24.87
CA ALA F 158 -5.87 0.43 24.78
C ALA F 158 -6.24 -0.60 25.83
N LEU F 159 -5.44 -1.67 25.93
CA LEU F 159 -5.73 -2.71 26.92
C LEU F 159 -5.53 -2.19 28.34
N LYS F 160 -4.55 -1.31 28.55
CA LYS F 160 -4.36 -0.72 29.87
C LYS F 160 -5.58 0.11 30.27
N VAL F 161 -6.10 0.92 29.34
CA VAL F 161 -7.26 1.75 29.65
C VAL F 161 -8.49 0.87 29.90
N ILE F 162 -8.67 -0.19 29.11
CA ILE F 162 -9.85 -1.04 29.32
C ILE F 162 -9.75 -1.78 30.64
N ALA F 163 -8.56 -2.26 31.00
CA ALA F 163 -8.39 -2.95 32.27
C ALA F 163 -8.65 -2.01 33.44
N ALA F 164 -8.05 -0.81 33.40
CA ALA F 164 -8.29 0.17 34.45
C ALA F 164 -9.76 0.58 34.50
N THR F 165 -10.42 0.62 33.34
CA THR F 165 -11.83 0.99 33.29
C THR F 165 -12.70 -0.04 33.98
N TRP F 166 -12.49 -1.33 33.68
CA TRP F 166 -13.31 -2.34 34.33
C TRP F 166 -12.98 -2.49 35.80
N CYS F 167 -11.70 -2.28 36.18
CA CYS F 167 -11.36 -2.29 37.59
C CYS F 167 -12.04 -1.16 38.34
N LEU F 168 -12.02 0.05 37.77
CA LEU F 168 -12.72 1.16 38.41
C LEU F 168 -14.23 0.94 38.44
N SER F 169 -14.78 0.27 37.42
CA SER F 169 -16.20 -0.03 37.44
C SER F 169 -16.55 -0.97 38.59
N PHE F 170 -15.78 -2.05 38.75
CA PHE F 170 -16.07 -3.00 39.81
C PHE F 170 -15.64 -2.52 41.19
N THR F 171 -14.90 -1.42 41.29
CA THR F 171 -14.62 -0.83 42.60
C THR F 171 -15.41 0.44 42.88
N ILE F 172 -16.20 0.92 41.92
CA ILE F 172 -17.12 2.03 42.15
C ILE F 172 -18.56 1.56 42.31
N MET F 173 -18.96 0.51 41.58
CA MET F 173 -20.27 -0.10 41.75
C MET F 173 -20.25 -1.21 42.79
N THR F 174 -19.38 -1.09 43.79
CA THR F 174 -19.09 -2.20 44.69
C THR F 174 -20.28 -2.70 45.52
N PRO F 175 -21.16 -1.84 46.11
CA PRO F 175 -22.03 -2.37 47.17
C PRO F 175 -23.08 -3.35 46.69
N TYR F 176 -22.66 -4.55 46.30
CA TYR F 176 -23.59 -5.67 46.20
C TYR F 176 -24.07 -6.18 47.56
N PRO F 177 -23.29 -6.11 48.66
CA PRO F 177 -23.84 -6.58 49.95
C PRO F 177 -24.90 -5.67 50.52
N ILE F 178 -25.05 -4.45 50.02
CA ILE F 178 -26.08 -3.54 50.51
C ILE F 178 -27.27 -3.64 49.58
N TYR F 179 -27.01 -3.88 48.30
CA TYR F 179 -28.04 -4.35 47.38
C TYR F 179 -28.76 -5.52 48.04
N SER F 180 -30.09 -5.51 48.03
CA SER F 180 -30.79 -6.47 48.88
C SER F 180 -32.15 -6.93 48.33
N ASN F 181 -32.95 -7.54 49.18
CA ASN F 181 -34.28 -8.02 48.82
C ASN F 181 -35.19 -7.87 50.03
N LEU F 182 -36.23 -7.05 49.89
CA LEU F 182 -37.17 -6.76 50.99
C LEU F 182 -38.32 -7.75 50.89
N VAL F 183 -38.26 -8.78 51.74
CA VAL F 183 -39.26 -9.85 51.80
C VAL F 183 -40.71 -9.44 52.12
N PRO F 184 -41.01 -8.27 52.77
CA PRO F 184 -42.43 -7.92 52.99
C PRO F 184 -43.30 -7.95 51.74
N PHE F 185 -44.61 -8.09 51.97
CA PHE F 185 -45.60 -8.34 50.92
C PHE F 185 -45.77 -7.13 50.00
N THR F 186 -46.46 -7.37 48.88
CA THR F 186 -46.83 -6.30 47.95
C THR F 186 -48.30 -6.32 47.54
N LYS F 187 -49.05 -7.37 47.86
CA LYS F 187 -50.42 -7.46 47.36
C LYS F 187 -51.22 -8.37 48.30
N ASN F 188 -52.44 -8.72 47.89
CA ASN F 188 -53.33 -9.51 48.73
C ASN F 188 -53.15 -11.00 48.45
N ASN F 189 -53.40 -11.43 47.23
CA ASN F 189 -53.15 -12.82 46.87
C ASN F 189 -51.65 -13.09 46.84
N ASN F 190 -51.26 -14.27 47.30
CA ASN F 190 -49.85 -14.69 47.36
C ASN F 190 -49.03 -13.66 48.14
N GLN F 191 -49.33 -13.58 49.43
CA GLN F 191 -48.72 -12.59 50.31
C GLN F 191 -47.20 -12.72 50.38
N THR F 192 -46.65 -13.91 50.17
CA THR F 192 -45.21 -14.12 50.28
C THR F 192 -44.50 -13.50 49.08
N ALA F 193 -44.45 -12.18 49.03
CA ALA F 193 -43.87 -11.45 47.91
C ALA F 193 -42.42 -11.09 48.22
N ASN F 194 -41.78 -10.39 47.27
CA ASN F 194 -40.38 -9.99 47.41
C ASN F 194 -40.18 -8.68 46.66
N MET F 195 -39.52 -7.72 47.30
CA MET F 195 -39.15 -6.46 46.66
C MET F 195 -37.65 -6.28 46.78
N CYS F 196 -36.97 -6.07 45.66
CA CYS F 196 -35.55 -5.74 45.70
C CYS F 196 -35.35 -4.23 45.63
N ARG F 197 -34.32 -3.75 46.32
CA ARG F 197 -33.93 -2.35 46.32
C ARG F 197 -32.63 -2.18 47.09
N PHE F 198 -31.96 -1.07 46.84
CA PHE F 198 -30.74 -0.71 47.53
C PHE F 198 -31.07 0.31 48.61
N LEU F 199 -30.70 0.01 49.86
CA LEU F 199 -31.16 0.78 51.01
C LEU F 199 -30.07 1.64 51.65
N LEU F 200 -28.91 1.05 52.00
CA LEU F 200 -27.79 1.79 52.58
C LEU F 200 -28.23 2.47 53.86
N PRO F 201 -28.31 1.72 54.98
CA PRO F 201 -29.31 1.99 56.04
C PRO F 201 -29.61 3.44 56.39
N ASN F 202 -28.63 4.23 56.80
CA ASN F 202 -28.93 5.59 57.23
C ASN F 202 -29.20 6.48 56.02
N ASP F 203 -30.12 7.44 56.20
CA ASP F 203 -30.57 8.25 55.07
C ASP F 203 -29.47 9.15 54.52
N VAL F 204 -28.71 9.81 55.40
CA VAL F 204 -27.66 10.72 54.94
C VAL F 204 -26.63 9.98 54.09
N MET F 205 -26.33 8.72 54.46
CA MET F 205 -25.34 7.96 53.70
C MET F 205 -25.84 7.68 52.29
N GLN F 206 -27.11 7.27 52.16
CA GLN F 206 -27.63 6.98 50.82
C GLN F 206 -27.75 8.25 49.99
N GLN F 207 -28.07 9.38 50.61
CA GLN F 207 -28.14 10.64 49.85
C GLN F 207 -26.76 11.04 49.36
N SER F 208 -25.75 10.96 50.22
CA SER F 208 -24.39 11.29 49.81
C SER F 208 -23.88 10.34 48.74
N TRP F 209 -24.20 9.05 48.86
CA TRP F 209 -23.68 8.09 47.89
C TRP F 209 -24.37 8.23 46.54
N HIS F 210 -25.66 8.55 46.52
CA HIS F 210 -26.28 8.80 45.22
C HIS F 210 -25.83 10.12 44.62
N THR F 211 -25.49 11.11 45.45
CA THR F 211 -24.83 12.30 44.92
C THR F 211 -23.52 11.94 44.26
N PHE F 212 -22.71 11.09 44.93
CA PHE F 212 -21.44 10.65 44.37
C PHE F 212 -21.63 9.90 43.06
N LEU F 213 -22.59 8.98 43.02
CA LEU F 213 -22.85 8.21 41.82
C LEU F 213 -23.31 9.10 40.67
N LEU F 214 -24.26 9.99 40.94
CA LEU F 214 -24.75 10.90 39.92
C LEU F 214 -23.65 11.84 39.42
N LEU F 215 -22.72 12.22 40.30
CA LEU F 215 -21.72 13.20 39.91
C LEU F 215 -20.54 12.57 39.19
N ILE F 216 -20.20 11.31 39.49
CA ILE F 216 -19.04 10.69 38.87
C ILE F 216 -19.45 9.53 37.96
N LEU F 217 -20.73 9.46 37.58
CA LEU F 217 -21.15 8.57 36.51
C LEU F 217 -22.06 9.25 35.50
N PHE F 218 -22.56 10.45 35.79
CA PHE F 218 -23.34 11.19 34.80
C PHE F 218 -23.06 12.69 34.79
N LEU F 219 -22.13 13.18 35.58
CA LEU F 219 -21.76 14.59 35.52
C LEU F 219 -20.30 14.83 35.16
N ILE F 220 -19.38 13.98 35.61
CA ILE F 220 -18.01 14.04 35.12
C ILE F 220 -17.92 13.35 33.77
N PRO F 221 -18.49 12.14 33.58
CA PRO F 221 -18.56 11.61 32.22
C PRO F 221 -19.29 12.53 31.26
N GLY F 222 -20.41 13.10 31.67
CA GLY F 222 -21.16 14.03 30.84
C GLY F 222 -20.33 15.22 30.41
N ILE F 223 -19.79 15.97 31.38
CA ILE F 223 -19.04 17.18 31.07
C ILE F 223 -17.79 16.85 30.27
N VAL F 224 -17.12 15.74 30.60
CA VAL F 224 -15.85 15.43 29.94
C VAL F 224 -16.09 14.99 28.51
N MET F 225 -17.04 14.07 28.29
CA MET F 225 -17.38 13.67 26.93
C MET F 225 -17.90 14.85 26.12
N MET F 226 -18.66 15.75 26.75
CA MET F 226 -19.17 16.91 26.03
C MET F 226 -18.05 17.85 25.62
N VAL F 227 -17.09 18.11 26.51
CA VAL F 227 -15.98 18.99 26.15
C VAL F 227 -15.09 18.35 25.10
N ALA F 228 -14.87 17.04 25.18
CA ALA F 228 -14.05 16.35 24.19
C ALA F 228 -14.69 16.40 22.81
N TYR F 229 -15.93 15.93 22.69
CA TYR F 229 -16.61 15.97 21.41
C TYR F 229 -16.89 17.39 20.95
N GLY F 230 -16.97 18.36 21.86
CA GLY F 230 -17.13 19.74 21.44
C GLY F 230 -15.86 20.32 20.86
N LEU F 231 -14.71 19.96 21.43
CA LEU F 231 -13.44 20.36 20.83
C LEU F 231 -13.26 19.71 19.46
N ILE F 232 -13.62 18.43 19.34
CA ILE F 232 -13.55 17.78 18.03
C ILE F 232 -14.46 18.49 17.03
N SER F 233 -15.70 18.77 17.41
CA SER F 233 -16.64 19.45 16.54
C SER F 233 -16.14 20.85 16.19
N LEU F 234 -15.47 21.52 17.12
CA LEU F 234 -14.99 22.87 16.86
C LEU F 234 -13.83 22.86 15.87
N GLU F 235 -12.89 21.92 16.04
CA GLU F 235 -11.81 21.78 15.07
C GLU F 235 -12.35 21.45 13.68
N LEU F 236 -13.22 20.44 13.60
CA LEU F 236 -13.77 20.05 12.30
C LEU F 236 -14.61 21.16 11.68
N TYR F 237 -15.28 21.97 12.51
CA TYR F 237 -16.13 23.03 11.98
C TYR F 237 -15.30 24.21 11.49
N GLN F 238 -14.26 24.58 12.24
CA GLN F 238 -13.30 25.55 11.72
C GLN F 238 -12.71 25.08 10.41
N GLY F 239 -12.37 23.79 10.32
CA GLY F 239 -11.84 23.25 9.08
C GLY F 239 -12.82 23.35 7.93
N ILE F 240 -14.08 23.00 8.18
CA ILE F 240 -15.11 23.12 7.15
C ILE F 240 -15.27 24.57 6.72
N LYS F 241 -15.18 25.51 7.66
CA LYS F 241 -15.45 26.90 7.35
C LYS F 241 -14.22 27.66 6.84
N PHE F 242 -13.03 27.08 6.89
CA PHE F 242 -11.89 27.72 6.23
C PHE F 242 -12.13 27.81 4.74
N GLU F 243 -12.44 26.68 4.10
CA GLU F 243 -12.67 26.68 2.67
C GLU F 243 -13.99 27.36 2.31
N ALA F 244 -14.94 27.38 3.23
CA ALA F 244 -16.24 28.01 3.00
C ALA F 244 -16.12 29.53 2.93
N SER F 301 -12.39 18.97 -2.94
CA SER F 301 -12.67 17.72 -2.22
C SER F 301 -13.99 17.82 -1.47
N ALA F 302 -15.11 17.75 -2.19
CA ALA F 302 -16.41 17.83 -1.55
C ALA F 302 -16.69 16.60 -0.70
N ALA F 303 -16.09 15.45 -1.05
CA ALA F 303 -16.30 14.24 -0.26
C ALA F 303 -15.70 14.37 1.13
N ASN F 304 -14.56 15.07 1.26
CA ASN F 304 -13.98 15.29 2.57
C ASN F 304 -14.90 16.14 3.45
N LEU F 305 -15.44 17.22 2.89
CA LEU F 305 -16.35 18.06 3.66
C LEU F 305 -17.63 17.30 4.00
N MET F 306 -18.10 16.45 3.09
CA MET F 306 -19.28 15.64 3.39
C MET F 306 -19.01 14.67 4.53
N ALA F 307 -17.84 14.03 4.51
CA ALA F 307 -17.46 13.14 5.62
C ALA F 307 -17.37 13.91 6.93
N LYS F 308 -16.79 15.11 6.90
CA LYS F 308 -16.67 15.90 8.13
C LYS F 308 -18.04 16.27 8.68
N LYS F 309 -18.95 16.72 7.82
CA LYS F 309 -20.29 17.09 8.28
C LYS F 309 -21.05 15.87 8.81
N ARG F 310 -20.89 14.71 8.16
CA ARG F 310 -21.58 13.51 8.64
C ARG F 310 -21.00 13.03 9.96
N VAL F 311 -19.70 13.19 10.17
CA VAL F 311 -19.12 12.83 11.47
C VAL F 311 -19.61 13.79 12.55
N ILE F 312 -19.77 15.07 12.21
CA ILE F 312 -20.28 16.03 13.19
C ILE F 312 -21.72 15.70 13.56
N ARG F 313 -22.54 15.34 12.57
CA ARG F 313 -23.93 15.00 12.88
C ARG F 313 -24.00 13.74 13.73
N MET F 314 -23.19 12.73 13.40
CA MET F 314 -23.15 11.53 14.23
C MET F 314 -22.68 11.85 15.65
N LEU F 315 -21.75 12.80 15.79
CA LEU F 315 -21.23 13.16 17.09
C LEU F 315 -22.30 13.83 17.95
N ILE F 316 -23.01 14.80 17.39
CA ILE F 316 -24.05 15.46 18.18
C ILE F 316 -25.20 14.50 18.47
N VAL F 317 -25.52 13.60 17.53
CA VAL F 317 -26.53 12.58 17.82
C VAL F 317 -26.08 11.70 18.98
N ILE F 318 -24.79 11.34 19.02
CA ILE F 318 -24.29 10.49 20.09
C ILE F 318 -24.39 11.20 21.44
N VAL F 319 -24.02 12.48 21.48
CA VAL F 319 -24.08 13.21 22.75
C VAL F 319 -25.53 13.36 23.21
N VAL F 320 -26.43 13.72 22.30
CA VAL F 320 -27.82 13.94 22.69
C VAL F 320 -28.49 12.63 23.07
N LEU F 321 -28.07 11.50 22.50
CA LEU F 321 -28.65 10.23 22.92
C LEU F 321 -28.06 9.75 24.23
N PHE F 322 -26.78 10.02 24.49
CA PHE F 322 -26.21 9.85 25.82
C PHE F 322 -27.11 10.52 26.87
N PHE F 323 -27.38 11.82 26.67
CA PHE F 323 -28.22 12.53 27.63
C PHE F 323 -29.63 11.95 27.68
N LEU F 324 -30.27 11.78 26.52
CA LEU F 324 -31.67 11.37 26.46
C LEU F 324 -31.90 9.96 27.01
N CYS F 325 -30.88 9.10 27.00
CA CYS F 325 -31.04 7.73 27.46
C CYS F 325 -30.27 7.45 28.74
N TRP F 326 -29.70 8.47 29.39
CA TRP F 326 -29.25 8.23 30.75
C TRP F 326 -29.84 9.18 31.78
N MET F 327 -30.11 10.43 31.42
CA MET F 327 -30.64 11.40 32.39
C MET F 327 -31.90 10.97 33.13
N PRO F 328 -32.90 10.32 32.52
CA PRO F 328 -34.11 9.97 33.29
C PRO F 328 -33.86 9.15 34.53
N ILE F 329 -33.14 8.02 34.40
CA ILE F 329 -33.01 7.13 35.54
C ILE F 329 -32.11 7.72 36.62
N PHE F 330 -31.15 8.57 36.24
CA PHE F 330 -30.31 9.20 37.25
C PHE F 330 -31.05 10.34 37.96
N SER F 331 -31.92 11.05 37.24
CA SER F 331 -32.81 12.00 37.90
C SER F 331 -33.72 11.29 38.89
N ALA F 332 -34.28 10.15 38.49
CA ALA F 332 -35.13 9.38 39.40
C ALA F 332 -34.35 8.85 40.59
N ASN F 333 -33.08 8.49 40.38
CA ASN F 333 -32.24 8.05 41.50
C ASN F 333 -31.99 9.18 42.48
N ALA F 334 -31.69 10.38 41.99
CA ALA F 334 -31.54 11.53 42.89
C ALA F 334 -32.87 11.86 43.58
N TRP F 335 -33.98 11.66 42.88
CA TRP F 335 -35.31 11.84 43.47
C TRP F 335 -35.49 10.92 44.67
N ARG F 336 -35.25 9.62 44.46
CA ARG F 336 -35.34 8.66 45.56
C ARG F 336 -34.35 8.98 46.66
N ALA F 337 -33.19 9.54 46.31
CA ALA F 337 -32.19 9.88 47.32
C ALA F 337 -32.69 10.99 48.25
N TYR F 338 -33.08 12.12 47.67
CA TYR F 338 -33.39 13.28 48.52
C TYR F 338 -34.69 13.10 49.29
N ASP F 339 -35.72 12.55 48.66
CA ASP F 339 -37.00 12.33 49.34
C ASP F 339 -37.70 11.16 48.66
N THR F 340 -37.64 9.99 49.29
CA THR F 340 -38.30 8.81 48.72
C THR F 340 -39.81 8.97 48.68
N ALA F 341 -40.38 9.73 49.61
CA ALA F 341 -41.81 10.00 49.55
C ALA F 341 -42.11 10.95 48.39
N SER F 342 -43.35 10.88 47.89
CA SER F 342 -43.87 11.64 46.77
C SER F 342 -43.21 11.30 45.45
N ALA F 343 -42.22 10.40 45.45
CA ALA F 343 -41.61 9.87 44.23
C ALA F 343 -42.10 8.46 43.93
N GLU F 344 -42.08 7.58 44.94
CA GLU F 344 -42.66 6.25 44.79
C GLU F 344 -44.16 6.31 44.57
N ARG F 345 -44.80 7.40 45.02
CA ARG F 345 -46.21 7.60 44.70
C ARG F 345 -46.43 7.81 43.22
N ARG F 346 -45.47 8.42 42.53
CA ARG F 346 -45.58 8.76 41.12
C ARG F 346 -45.02 7.65 40.22
N LEU F 347 -43.75 7.29 40.44
CA LEU F 347 -43.06 6.33 39.57
C LEU F 347 -43.13 4.92 40.16
N SER F 348 -44.35 4.44 40.42
CA SER F 348 -44.49 3.20 41.19
C SER F 348 -44.34 1.95 40.32
N GLY F 349 -45.33 1.67 39.48
CA GLY F 349 -45.22 0.52 38.60
C GLY F 349 -45.02 0.83 37.12
N THR F 350 -45.92 1.64 36.57
CA THR F 350 -45.93 1.91 35.13
C THR F 350 -44.96 3.01 34.68
N PRO F 351 -44.86 4.18 35.34
CA PRO F 351 -43.96 5.22 34.79
C PRO F 351 -42.50 4.80 34.79
N ILE F 352 -42.05 4.13 35.84
CA ILE F 352 -40.67 3.69 35.87
C ILE F 352 -40.42 2.61 34.81
N SER F 353 -41.47 1.89 34.39
CA SER F 353 -41.31 0.97 33.27
C SER F 353 -40.82 1.72 32.03
N PHE F 354 -41.45 2.85 31.71
CA PHE F 354 -41.04 3.63 30.54
C PHE F 354 -39.71 4.33 30.78
N ILE F 355 -39.47 4.78 32.02
CA ILE F 355 -38.21 5.46 32.32
C ILE F 355 -37.04 4.48 32.24
N LEU F 356 -37.28 3.19 32.49
CA LEU F 356 -36.26 2.17 32.30
C LEU F 356 -36.21 1.72 30.84
N LEU F 357 -37.34 1.79 30.15
CA LEU F 357 -37.41 1.45 28.74
C LEU F 357 -36.59 2.43 27.91
N LEU F 358 -36.53 3.68 28.34
CA LEU F 358 -35.74 4.72 27.69
C LEU F 358 -34.23 4.60 28.03
N SER F 359 -33.83 3.52 28.70
CA SER F 359 -32.44 3.28 29.04
C SER F 359 -31.89 1.97 28.49
N TYR F 360 -32.74 1.08 27.98
CA TYR F 360 -32.30 -0.11 27.27
C TYR F 360 -32.26 0.11 25.77
N THR F 361 -33.03 1.06 25.26
CA THR F 361 -32.83 1.48 23.88
C THR F 361 -31.47 2.13 23.68
N SER F 362 -30.77 2.54 24.74
CA SER F 362 -29.39 2.96 24.56
C SER F 362 -28.50 1.78 24.21
N SER F 363 -28.72 0.64 24.86
CA SER F 363 -28.05 -0.60 24.46
C SER F 363 -28.48 -1.01 23.06
N CYS F 364 -29.75 -0.76 22.71
CA CYS F 364 -30.20 -1.03 21.36
C CYS F 364 -29.51 -0.15 20.33
N VAL F 365 -29.18 1.09 20.71
CA VAL F 365 -28.66 2.07 19.75
C VAL F 365 -27.16 1.92 19.56
N ASN F 366 -26.41 1.76 20.66
CA ASN F 366 -24.95 1.86 20.60
C ASN F 366 -24.30 1.01 19.51
N PRO F 367 -24.56 -0.29 19.39
CA PRO F 367 -23.99 -1.05 18.26
C PRO F 367 -24.80 -0.96 16.98
N ILE F 368 -25.77 -0.05 16.90
CA ILE F 368 -26.48 0.22 15.65
C ILE F 368 -26.09 1.57 15.07
N ILE F 369 -25.45 2.44 15.87
CA ILE F 369 -24.95 3.72 15.39
C ILE F 369 -23.43 3.74 15.34
N TYR F 370 -22.76 3.18 16.34
CA TYR F 370 -21.30 3.19 16.33
C TYR F 370 -20.73 2.34 15.20
N CYS F 371 -21.09 1.07 15.16
CA CYS F 371 -20.47 0.10 14.26
C CYS F 371 -21.36 -0.31 13.09
N PHE F 372 -22.63 -0.60 13.33
CA PHE F 372 -23.51 -1.07 12.27
C PHE F 372 -23.67 -0.04 11.15
N MET F 373 -23.44 1.24 11.44
CA MET F 373 -23.59 2.28 10.44
C MET F 373 -22.28 2.99 10.12
N ASN F 374 -21.22 2.22 9.89
CA ASN F 374 -19.96 2.77 9.40
C ASN F 374 -19.52 1.90 8.22
N LYS F 375 -18.26 2.03 7.81
CA LYS F 375 -17.75 1.27 6.67
C LYS F 375 -17.22 -0.11 7.06
N ARG F 376 -17.33 -0.49 8.33
CA ARG F 376 -16.73 -1.74 8.80
C ARG F 376 -17.60 -2.96 8.56
N PHE F 377 -18.94 -2.79 8.49
CA PHE F 377 -19.80 -3.97 8.41
C PHE F 377 -19.62 -4.70 7.09
N ARG F 378 -19.29 -3.99 6.01
CA ARG F 378 -18.96 -4.67 4.76
C ARG F 378 -17.65 -5.42 4.89
N LEU F 379 -16.67 -4.84 5.59
CA LEU F 379 -15.39 -5.52 5.82
C LEU F 379 -15.59 -6.78 6.65
N GLY F 380 -16.62 -6.81 7.49
CA GLY F 380 -16.90 -7.99 8.29
C GLY F 380 -17.72 -9.03 7.55
N PHE F 381 -18.68 -8.58 6.74
CA PHE F 381 -19.51 -9.50 5.97
C PHE F 381 -18.76 -10.10 4.79
N MET F 382 -17.68 -9.45 4.33
CA MET F 382 -16.80 -10.09 3.36
C MET F 382 -15.97 -11.20 3.99
N ALA F 383 -15.87 -11.22 5.32
CA ALA F 383 -15.14 -12.26 6.03
C ALA F 383 -16.07 -13.39 6.46
N THR F 384 -17.22 -13.06 7.05
CA THR F 384 -18.16 -14.10 7.45
C THR F 384 -18.83 -14.79 6.27
N PHE F 385 -18.68 -14.25 5.06
CA PHE F 385 -19.18 -14.91 3.86
C PHE F 385 -18.01 -15.29 2.94
#